data_1U7P
#
_entry.id   1U7P
#
_cell.length_a   68.524
_cell.length_b   57.651
_cell.length_c   76.621
_cell.angle_alpha   90.00
_cell.angle_beta   91.97
_cell.angle_gamma   90.00
#
_symmetry.space_group_name_H-M   'P 1 21 1'
#
loop_
_entity.id
_entity.type
_entity.pdbx_description
1 polymer 'magnesium-dependent phosphatase-1'
2 non-polymer 'MAGNESIUM ION'
3 non-polymer TUNGSTATE(VI)ION
4 water water
#
_entity_poly.entity_id   1
_entity_poly.type   'polypeptide(L)'
_entity_poly.pdbx_seq_one_letter_code
;MTRLPKLAVFDLDYTLWPFWVDTHVDPPFHKSSDGTVRDRRGQNIQLYPEVPEVLGRLQSLGVPVAAASRTSEIQGANQL
LELFDLGKYFIQREIYPGSKVTHFERLHHKTGVPFSQMVFFDDENRNIIDVGRLGVTCIHIRDGMSLQTLTQGLETFAKA
QAGL
;
_entity_poly.pdbx_strand_id   A,B,C,D
#
# COMPACT_ATOMS: atom_id res chain seq x y z
N MET A 1 16.07 44.63 -3.40
CA MET A 1 15.36 43.40 -2.99
C MET A 1 15.65 42.23 -3.91
N THR A 2 15.63 41.06 -3.31
CA THR A 2 15.81 39.81 -4.02
C THR A 2 14.58 39.07 -3.53
N ARG A 3 13.60 38.91 -4.41
CA ARG A 3 12.37 38.24 -4.04
C ARG A 3 12.57 36.76 -3.72
N LEU A 4 12.30 36.39 -2.48
CA LEU A 4 12.40 35.00 -2.03
C LEU A 4 11.02 34.44 -2.25
N PRO A 5 10.92 33.16 -2.64
CA PRO A 5 9.59 32.58 -2.86
C PRO A 5 8.86 32.40 -1.53
N LYS A 6 7.54 32.36 -1.57
CA LYS A 6 6.75 32.19 -0.36
C LYS A 6 6.47 30.72 -0.12
N LEU A 7 6.95 29.88 -1.03
CA LEU A 7 6.80 28.45 -0.92
C LEU A 7 7.71 27.75 -1.92
N ALA A 8 8.46 26.76 -1.44
CA ALA A 8 9.35 25.99 -2.31
C ALA A 8 8.77 24.57 -2.33
N VAL A 9 8.61 24.02 -3.53
CA VAL A 9 8.03 22.69 -3.67
C VAL A 9 8.98 21.74 -4.36
N PHE A 10 9.12 20.55 -3.78
CA PHE A 10 10.01 19.55 -4.32
C PHE A 10 9.40 18.26 -4.79
N ASP A 11 9.88 17.80 -5.93
CA ASP A 11 9.51 16.52 -6.50
C ASP A 11 10.33 15.57 -5.62
N LEU A 12 10.12 14.27 -5.74
CA LEU A 12 10.87 13.30 -4.95
C LEU A 12 11.87 12.46 -5.76
N ASP A 13 11.38 11.57 -6.63
CA ASP A 13 12.28 10.72 -7.43
C ASP A 13 13.21 11.55 -8.29
N TYR A 14 14.51 11.28 -8.19
CA TYR A 14 15.54 11.99 -8.95
C TYR A 14 15.60 13.47 -8.65
N THR A 15 15.07 13.86 -7.49
CA THR A 15 15.13 15.24 -7.04
C THR A 15 15.76 15.18 -5.65
N LEU A 16 15.16 14.40 -4.74
CA LEU A 16 15.73 14.26 -3.40
C LEU A 16 16.49 12.94 -3.28
N TRP A 17 16.12 11.95 -4.07
CA TRP A 17 16.80 10.67 -4.07
C TRP A 17 16.99 10.15 -5.49
N PRO A 18 18.15 9.53 -5.77
CA PRO A 18 18.54 8.97 -7.06
C PRO A 18 17.88 7.68 -7.56
N PHE A 19 16.55 7.65 -7.58
CA PHE A 19 15.83 6.48 -8.06
C PHE A 19 14.33 6.74 -8.02
N TRP A 20 13.57 5.84 -8.62
CA TRP A 20 12.10 5.93 -8.60
C TRP A 20 11.67 5.04 -7.45
N VAL A 21 10.92 5.61 -6.51
CA VAL A 21 10.47 4.83 -5.36
C VAL A 21 9.50 3.70 -5.73
N ASP A 22 8.86 3.79 -6.90
CA ASP A 22 7.92 2.75 -7.32
C ASP A 22 8.58 1.70 -8.22
N THR A 23 9.89 1.79 -8.39
CA THR A 23 10.59 0.87 -9.28
C THR A 23 11.88 0.23 -8.76
N HIS A 24 12.82 1.06 -8.31
CA HIS A 24 14.12 0.57 -7.87
C HIS A 24 14.24 0.00 -6.46
N VAL A 25 13.22 0.19 -5.65
CA VAL A 25 13.26 -0.30 -4.28
C VAL A 25 12.05 -1.15 -3.95
N ASP A 26 12.11 -1.83 -2.80
CA ASP A 26 11.01 -2.69 -2.38
C ASP A 26 10.62 -2.35 -0.94
N PRO A 27 9.60 -1.48 -0.78
CA PRO A 27 9.08 -1.02 0.51
C PRO A 27 8.40 -2.16 1.27
N PRO A 28 8.22 -2.01 2.59
CA PRO A 28 8.61 -0.85 3.42
C PRO A 28 10.11 -0.77 3.65
N PHE A 29 10.53 0.32 4.27
CA PHE A 29 11.94 0.54 4.59
C PHE A 29 12.14 0.50 6.10
N HIS A 30 13.41 0.52 6.53
CA HIS A 30 13.73 0.50 7.95
C HIS A 30 15.19 0.89 8.16
N LYS A 31 15.49 1.46 9.33
CA LYS A 31 16.86 1.84 9.63
C LYS A 31 17.61 0.60 10.11
N SER A 32 18.80 0.39 9.56
CA SER A 32 19.62 -0.75 9.94
C SER A 32 20.41 -0.42 11.20
N SER A 33 21.09 -1.41 11.75
CA SER A 33 21.88 -1.22 12.97
C SER A 33 23.04 -0.25 12.74
N ASP A 34 23.50 -0.17 11.49
CA ASP A 34 24.61 0.71 11.15
C ASP A 34 24.14 2.12 10.79
N GLY A 35 22.88 2.42 11.09
CA GLY A 35 22.34 3.75 10.81
C GLY A 35 21.79 3.98 9.42
N THR A 36 22.03 3.05 8.50
CA THR A 36 21.55 3.21 7.13
C THR A 36 20.06 2.92 7.00
N VAL A 37 19.47 3.37 5.89
CA VAL A 37 18.08 3.10 5.61
C VAL A 37 18.11 1.94 4.61
N ARG A 38 17.27 0.94 4.84
CA ARG A 38 17.26 -0.21 3.96
C ARG A 38 15.86 -0.60 3.54
N ASP A 39 15.76 -1.32 2.42
CA ASP A 39 14.47 -1.79 1.93
C ASP A 39 14.46 -3.30 2.09
N ARG A 40 13.35 -3.93 1.75
CA ARG A 40 13.20 -5.38 1.89
C ARG A 40 14.30 -6.23 1.25
N ARG A 41 14.98 -5.70 0.24
CA ARG A 41 16.02 -6.44 -0.44
C ARG A 41 17.43 -6.09 0.02
N GLY A 42 17.52 -5.48 1.20
CA GLY A 42 18.80 -5.10 1.76
C GLY A 42 19.55 -4.00 1.03
N GLN A 43 18.85 -3.22 0.22
CA GLN A 43 19.49 -2.13 -0.51
C GLN A 43 19.76 -0.94 0.40
N ASN A 44 20.91 -0.31 0.19
CA ASN A 44 21.25 0.87 0.97
C ASN A 44 20.53 2.02 0.28
N ILE A 45 19.59 2.66 0.97
CA ILE A 45 18.83 3.76 0.40
C ILE A 45 19.46 5.08 0.83
N GLN A 46 19.84 5.92 -0.14
CA GLN A 46 20.45 7.20 0.19
C GLN A 46 19.86 8.38 -0.59
N LEU A 47 19.88 9.55 0.04
CA LEU A 47 19.38 10.78 -0.57
C LEU A 47 20.53 11.39 -1.34
N TYR A 48 20.26 12.41 -2.13
CA TYR A 48 21.36 13.09 -2.81
C TYR A 48 22.05 13.70 -1.59
N PRO A 49 23.38 13.70 -1.57
CA PRO A 49 24.26 14.22 -0.51
C PRO A 49 23.84 15.44 0.29
N GLU A 50 23.59 16.53 -0.42
CA GLU A 50 23.27 17.81 0.20
C GLU A 50 21.80 18.10 0.50
N VAL A 51 20.92 17.15 0.25
CA VAL A 51 19.50 17.37 0.49
C VAL A 51 19.13 17.88 1.89
N PRO A 52 19.72 17.29 2.95
CA PRO A 52 19.36 17.80 4.28
C PRO A 52 19.65 19.29 4.45
N GLU A 53 20.79 19.75 3.97
CA GLU A 53 21.16 21.17 4.09
C GLU A 53 20.35 22.07 3.15
N VAL A 54 19.99 21.55 1.98
CA VAL A 54 19.17 22.31 1.05
C VAL A 54 17.88 22.68 1.78
N LEU A 55 17.22 21.68 2.37
CA LEU A 55 15.98 21.91 3.08
C LEU A 55 16.18 22.76 4.34
N GLY A 56 17.30 22.56 5.03
CA GLY A 56 17.59 23.33 6.21
C GLY A 56 17.85 24.79 5.84
N ARG A 57 18.51 24.99 4.71
CA ARG A 57 18.80 26.34 4.25
C ARG A 57 17.50 27.10 3.98
N LEU A 58 16.57 26.46 3.28
CA LEU A 58 15.29 27.10 2.98
C LEU A 58 14.62 27.50 4.30
N GLN A 59 14.68 26.60 5.27
CA GLN A 59 14.11 26.85 6.57
C GLN A 59 14.77 28.09 7.19
N SER A 60 16.08 28.21 7.02
CA SER A 60 16.84 29.34 7.55
C SER A 60 16.47 30.65 6.87
N LEU A 61 16.14 30.56 5.58
CA LEU A 61 15.78 31.74 4.80
C LEU A 61 14.31 32.07 5.02
N GLY A 62 13.63 31.26 5.83
CA GLY A 62 12.23 31.49 6.12
C GLY A 62 11.27 31.06 5.03
N VAL A 63 11.72 30.18 4.13
CA VAL A 63 10.87 29.71 3.04
C VAL A 63 10.24 28.36 3.37
N PRO A 64 8.89 28.30 3.44
CA PRO A 64 8.13 27.08 3.74
C PRO A 64 8.38 26.08 2.61
N VAL A 65 8.38 24.79 2.95
CA VAL A 65 8.64 23.76 1.94
C VAL A 65 7.55 22.69 1.86
N ALA A 66 7.23 22.26 0.65
CA ALA A 66 6.23 21.22 0.44
C ALA A 66 6.76 20.18 -0.54
N ALA A 67 6.12 19.01 -0.56
CA ALA A 67 6.49 17.94 -1.47
C ALA A 67 5.35 17.71 -2.47
N ALA A 68 5.69 17.43 -3.72
CA ALA A 68 4.69 17.17 -4.76
C ALA A 68 5.20 16.03 -5.63
N SER A 69 4.68 14.83 -5.39
CA SER A 69 5.06 13.62 -6.09
C SER A 69 3.86 12.89 -6.71
N ARG A 70 4.05 12.31 -7.90
CA ARG A 70 3.00 11.57 -8.61
C ARG A 70 3.13 10.07 -8.36
N THR A 71 4.05 9.66 -7.49
CA THR A 71 4.25 8.23 -7.26
C THR A 71 3.02 7.50 -6.73
N SER A 72 2.91 6.23 -7.11
CA SER A 72 1.83 5.37 -6.64
C SER A 72 2.28 4.73 -5.34
N GLU A 73 3.60 4.78 -5.08
CA GLU A 73 4.15 4.21 -3.86
C GLU A 73 4.08 5.27 -2.76
N ILE A 74 2.85 5.67 -2.42
CA ILE A 74 2.59 6.70 -1.43
C ILE A 74 3.17 6.46 -0.03
N GLN A 75 2.87 5.29 0.54
CA GLN A 75 3.36 5.03 1.87
C GLN A 75 4.87 4.84 1.90
N GLY A 76 5.44 4.42 0.78
CA GLY A 76 6.88 4.24 0.70
C GLY A 76 7.60 5.57 0.63
N ALA A 77 7.04 6.52 -0.11
CA ALA A 77 7.62 7.85 -0.26
C ALA A 77 7.56 8.56 1.07
N ASN A 78 6.41 8.47 1.74
CA ASN A 78 6.22 9.10 3.02
C ASN A 78 7.17 8.55 4.09
N GLN A 79 7.35 7.24 4.10
CA GLN A 79 8.23 6.62 5.09
C GLN A 79 9.69 7.07 4.91
N LEU A 80 10.13 7.25 3.68
CA LEU A 80 11.50 7.68 3.45
C LEU A 80 11.75 9.06 4.02
N LEU A 81 10.76 9.95 3.86
CA LEU A 81 10.89 11.30 4.38
C LEU A 81 11.05 11.25 5.89
N GLU A 82 10.29 10.37 6.53
CA GLU A 82 10.35 10.20 7.98
C GLU A 82 11.71 9.62 8.39
N LEU A 83 12.06 8.48 7.82
CA LEU A 83 13.32 7.82 8.16
C LEU A 83 14.55 8.70 7.95
N PHE A 84 14.52 9.55 6.93
CA PHE A 84 15.64 10.45 6.66
C PHE A 84 15.55 11.72 7.49
N ASP A 85 14.64 11.72 8.45
CA ASP A 85 14.44 12.86 9.35
C ASP A 85 14.25 14.16 8.57
N LEU A 86 13.43 14.10 7.52
CA LEU A 86 13.17 15.27 6.70
C LEU A 86 11.77 15.82 6.96
N GLY A 87 10.96 15.03 7.68
CA GLY A 87 9.60 15.46 7.98
C GLY A 87 9.52 16.89 8.52
N LYS A 88 10.45 17.21 9.42
CA LYS A 88 10.51 18.52 10.06
C LYS A 88 10.66 19.70 9.09
N TYR A 89 11.10 19.41 7.87
CA TYR A 89 11.31 20.46 6.87
C TYR A 89 10.10 20.73 5.96
N PHE A 90 9.09 19.86 6.00
CA PHE A 90 7.93 20.06 5.14
C PHE A 90 6.67 20.47 5.91
N ILE A 91 5.89 21.37 5.33
CA ILE A 91 4.65 21.81 5.96
C ILE A 91 3.46 21.09 5.33
N GLN A 92 3.67 20.56 4.13
CA GLN A 92 2.63 19.84 3.39
C GLN A 92 3.27 18.81 2.47
N ARG A 93 2.54 17.73 2.20
CA ARG A 93 3.02 16.69 1.30
C ARG A 93 1.87 16.27 0.41
N GLU A 94 2.08 16.38 -0.90
CA GLU A 94 1.08 15.96 -1.87
C GLU A 94 1.74 14.81 -2.59
N ILE A 95 1.41 13.61 -2.16
CA ILE A 95 2.01 12.42 -2.74
C ILE A 95 0.91 11.47 -3.17
N TYR A 96 0.65 11.45 -4.47
CA TYR A 96 -0.36 10.59 -5.07
C TYR A 96 -0.33 10.78 -6.59
N PRO A 97 -0.80 9.77 -7.34
CA PRO A 97 -0.82 9.82 -8.81
C PRO A 97 -1.61 11.00 -9.37
N GLY A 98 -1.28 11.40 -10.59
CA GLY A 98 -1.99 12.48 -11.23
C GLY A 98 -1.12 13.62 -11.72
N SER A 99 -1.67 14.45 -12.61
CA SER A 99 -0.94 15.60 -13.11
C SER A 99 -0.68 16.49 -11.90
N LYS A 100 0.53 17.04 -11.81
CA LYS A 100 0.86 17.87 -10.65
C LYS A 100 0.11 19.19 -10.56
N VAL A 101 -0.76 19.47 -11.54
CA VAL A 101 -1.54 20.69 -11.47
C VAL A 101 -2.45 20.51 -10.24
N THR A 102 -2.88 19.26 -10.00
CA THR A 102 -3.74 18.94 -8.87
C THR A 102 -3.00 19.15 -7.57
N HIS A 103 -1.79 18.61 -7.47
CA HIS A 103 -0.97 18.75 -6.28
C HIS A 103 -0.81 20.22 -5.94
N PHE A 104 -0.52 21.03 -6.96
CA PHE A 104 -0.33 22.46 -6.74
C PHE A 104 -1.59 23.23 -6.39
N GLU A 105 -2.73 22.82 -6.94
CA GLU A 105 -4.00 23.51 -6.65
C GLU A 105 -4.33 23.31 -5.17
N ARG A 106 -4.05 22.10 -4.69
CA ARG A 106 -4.32 21.79 -3.30
C ARG A 106 -3.34 22.51 -2.39
N LEU A 107 -2.08 22.63 -2.82
CA LEU A 107 -1.08 23.35 -2.04
C LEU A 107 -1.50 24.81 -1.95
N HIS A 108 -2.02 25.33 -3.06
CA HIS A 108 -2.48 26.71 -3.10
C HIS A 108 -3.63 26.92 -2.10
N HIS A 109 -4.55 25.96 -2.06
CA HIS A 109 -5.69 26.04 -1.15
C HIS A 109 -5.26 25.96 0.31
N LYS A 110 -4.37 25.02 0.63
CA LYS A 110 -3.90 24.84 2.00
C LYS A 110 -2.98 25.93 2.53
N THR A 111 -2.16 26.51 1.65
CA THR A 111 -1.20 27.53 2.07
C THR A 111 -1.59 28.98 1.79
N GLY A 112 -2.50 29.17 0.85
CA GLY A 112 -2.93 30.51 0.50
C GLY A 112 -1.90 31.28 -0.33
N VAL A 113 -0.80 30.62 -0.66
CA VAL A 113 0.27 31.25 -1.44
C VAL A 113 -0.06 31.29 -2.93
N PRO A 114 0.02 32.48 -3.55
CA PRO A 114 -0.28 32.57 -4.99
C PRO A 114 0.73 31.73 -5.76
N PHE A 115 0.30 31.13 -6.86
CA PHE A 115 1.18 30.31 -7.68
C PHE A 115 2.43 31.07 -8.12
N SER A 116 2.26 32.36 -8.40
CA SER A 116 3.36 33.20 -8.86
C SER A 116 4.47 33.33 -7.83
N GLN A 117 4.17 33.06 -6.57
CA GLN A 117 5.17 33.17 -5.51
C GLN A 117 5.79 31.84 -5.11
N MET A 118 5.55 30.82 -5.93
CA MET A 118 6.09 29.49 -5.66
C MET A 118 7.24 29.15 -6.59
N VAL A 119 8.20 28.39 -6.07
CA VAL A 119 9.30 27.91 -6.90
C VAL A 119 9.17 26.40 -6.79
N PHE A 120 9.42 25.70 -7.89
CA PHE A 120 9.25 24.26 -7.93
C PHE A 120 10.45 23.61 -8.59
N PHE A 121 10.98 22.56 -7.97
CA PHE A 121 12.12 21.83 -8.50
C PHE A 121 11.64 20.43 -8.88
N ASP A 122 11.93 20.02 -10.12
CA ASP A 122 11.51 18.72 -10.64
C ASP A 122 12.44 18.39 -11.80
N ASP A 123 12.76 17.11 -11.97
CA ASP A 123 13.65 16.69 -13.05
C ASP A 123 12.95 16.33 -14.36
N GLU A 124 11.62 16.27 -14.33
CA GLU A 124 10.85 15.91 -15.53
C GLU A 124 10.15 17.10 -16.18
N ASN A 125 10.47 17.32 -17.46
CA ASN A 125 9.90 18.43 -18.21
C ASN A 125 8.38 18.45 -18.24
N ARG A 126 7.75 17.29 -18.31
CA ARG A 126 6.29 17.25 -18.33
C ARG A 126 5.71 17.89 -17.09
N ASN A 127 6.35 17.69 -15.94
CA ASN A 127 5.86 18.28 -14.70
C ASN A 127 6.12 19.79 -14.71
N ILE A 128 7.24 20.18 -15.34
CA ILE A 128 7.63 21.57 -15.45
C ILE A 128 6.63 22.30 -16.34
N ILE A 129 6.18 21.61 -17.37
CA ILE A 129 5.19 22.14 -18.32
C ILE A 129 3.83 22.33 -17.64
N ASP A 130 3.31 21.24 -17.06
CA ASP A 130 2.01 21.27 -16.41
C ASP A 130 1.88 22.33 -15.33
N VAL A 131 2.85 22.33 -14.42
CA VAL A 131 2.84 23.26 -13.29
C VAL A 131 3.17 24.70 -13.71
N GLY A 132 4.01 24.85 -14.72
CA GLY A 132 4.39 26.18 -15.20
C GLY A 132 3.19 26.97 -15.73
N ARG A 133 2.17 26.27 -16.20
CA ARG A 133 0.97 26.91 -16.73
C ARG A 133 0.21 27.65 -15.64
N LEU A 134 0.52 27.35 -14.37
CA LEU A 134 -0.15 27.99 -13.24
C LEU A 134 0.56 29.28 -12.84
N GLY A 135 1.74 29.54 -13.39
CA GLY A 135 2.47 30.74 -13.05
C GLY A 135 3.63 30.48 -12.11
N VAL A 136 3.73 29.24 -11.66
CA VAL A 136 4.80 28.81 -10.76
C VAL A 136 6.14 28.89 -11.50
N THR A 137 7.18 29.34 -10.80
CA THR A 137 8.52 29.40 -11.37
C THR A 137 9.05 27.98 -11.24
N CYS A 138 9.28 27.33 -12.38
CA CYS A 138 9.74 25.96 -12.39
C CYS A 138 11.20 25.77 -12.74
N ILE A 139 11.93 25.10 -11.86
CA ILE A 139 13.35 24.84 -12.05
C ILE A 139 13.54 23.41 -12.52
N HIS A 140 13.94 23.24 -13.77
CA HIS A 140 14.15 21.91 -14.33
C HIS A 140 15.55 21.47 -13.93
N ILE A 141 15.63 20.45 -13.08
CA ILE A 141 16.91 19.98 -12.59
C ILE A 141 17.48 18.74 -13.25
N ARG A 142 18.77 18.54 -12.99
CA ARG A 142 19.51 17.41 -13.51
C ARG A 142 20.47 17.03 -12.38
N ASP A 143 20.82 15.75 -12.31
CA ASP A 143 21.73 15.28 -11.28
C ASP A 143 21.22 15.51 -9.85
N GLY A 144 19.91 15.63 -9.69
CA GLY A 144 19.35 15.83 -8.36
C GLY A 144 19.56 17.18 -7.69
N MET A 145 19.00 17.35 -6.50
CA MET A 145 19.14 18.61 -5.74
C MET A 145 20.50 18.71 -5.05
N SER A 146 20.99 19.93 -4.96
CA SER A 146 22.27 20.22 -4.31
C SER A 146 22.19 21.69 -3.90
N LEU A 147 23.11 22.13 -3.04
CA LEU A 147 23.09 23.53 -2.62
C LEU A 147 23.24 24.46 -3.80
N GLN A 148 24.09 24.11 -4.76
CA GLN A 148 24.29 24.95 -5.94
C GLN A 148 22.99 25.07 -6.74
N THR A 149 22.32 23.95 -6.93
CA THR A 149 21.07 23.96 -7.68
C THR A 149 20.04 24.82 -6.96
N LEU A 150 20.04 24.78 -5.64
CA LEU A 150 19.11 25.57 -4.84
C LEU A 150 19.39 27.06 -5.07
N THR A 151 20.66 27.45 -4.97
CA THR A 151 21.06 28.84 -5.15
C THR A 151 20.65 29.35 -6.53
N GLN A 152 21.00 28.61 -7.57
CA GLN A 152 20.65 29.01 -8.93
C GLN A 152 19.14 29.12 -9.06
N GLY A 153 18.42 28.18 -8.44
CA GLY A 153 16.98 28.16 -8.50
C GLY A 153 16.35 29.39 -7.87
N LEU A 154 16.83 29.78 -6.68
CA LEU A 154 16.30 30.95 -6.01
C LEU A 154 16.67 32.21 -6.80
N GLU A 155 17.84 32.18 -7.43
CA GLU A 155 18.31 33.29 -8.24
C GLU A 155 17.36 33.47 -9.40
N THR A 156 16.99 32.36 -10.02
CA THR A 156 16.07 32.36 -11.15
C THR A 156 14.71 32.94 -10.75
N PHE A 157 14.26 32.60 -9.54
CA PHE A 157 12.98 33.10 -9.05
C PHE A 157 13.05 34.60 -8.80
N ALA A 158 14.15 35.04 -8.20
CA ALA A 158 14.35 36.46 -7.90
C ALA A 158 14.40 37.29 -9.17
N LYS A 159 15.05 36.75 -10.20
CA LYS A 159 15.17 37.44 -11.49
C LYS A 159 13.83 37.50 -12.22
N ALA A 160 13.02 36.47 -12.06
CA ALA A 160 11.70 36.43 -12.69
C ALA A 160 10.83 37.49 -12.03
N GLN A 161 10.94 37.61 -10.72
CA GLN A 161 10.17 38.58 -9.96
C GLN A 161 10.73 39.99 -10.10
N ALA A 162 11.73 40.15 -10.94
CA ALA A 162 12.35 41.46 -11.16
C ALA A 162 12.25 41.89 -12.62
N GLY A 163 11.52 41.11 -13.41
CA GLY A 163 11.36 41.43 -14.82
C GLY A 163 12.57 41.01 -15.63
N LEU A 164 12.92 39.73 -15.53
CA LEU A 164 14.05 39.16 -16.26
C LEU A 164 13.69 37.74 -16.70
N THR B 2 22.59 11.04 -46.45
CA THR B 2 22.28 10.96 -44.99
C THR B 2 22.21 9.51 -44.48
N ARG B 3 22.56 9.34 -43.20
CA ARG B 3 22.58 8.04 -42.53
C ARG B 3 21.32 7.79 -41.72
N LEU B 4 20.58 6.77 -42.10
CA LEU B 4 19.36 6.40 -41.39
C LEU B 4 19.63 5.34 -40.35
N PRO B 5 18.85 5.36 -39.25
CA PRO B 5 19.07 4.35 -38.21
C PRO B 5 18.51 2.99 -38.66
N LYS B 6 18.95 1.93 -38.01
CA LYS B 6 18.50 0.58 -38.33
C LYS B 6 17.29 0.20 -37.48
N LEU B 7 16.96 1.06 -36.52
CA LEU B 7 15.80 0.83 -35.65
C LEU B 7 15.37 2.16 -35.04
N ALA B 8 14.07 2.44 -35.08
CA ALA B 8 13.53 3.66 -34.49
C ALA B 8 12.62 3.19 -33.37
N VAL B 9 12.82 3.73 -32.18
CA VAL B 9 12.03 3.32 -31.02
C VAL B 9 11.24 4.49 -30.45
N PHE B 10 9.99 4.22 -30.08
CA PHE B 10 9.11 5.24 -29.52
C PHE B 10 8.54 4.87 -28.17
N ASP B 11 8.40 5.87 -27.30
CA ASP B 11 7.75 5.65 -26.02
C ASP B 11 6.30 5.84 -26.44
N LEU B 12 5.36 5.70 -25.51
CA LEU B 12 3.95 5.82 -25.84
C LEU B 12 3.33 7.09 -25.28
N ASP B 13 3.33 7.24 -23.96
CA ASP B 13 2.78 8.44 -23.34
C ASP B 13 3.50 9.68 -23.84
N TYR B 14 2.73 10.71 -24.14
CA TYR B 14 3.26 11.97 -24.63
C TYR B 14 4.25 11.82 -25.78
N THR B 15 4.11 10.73 -26.51
CA THR B 15 4.94 10.47 -27.69
C THR B 15 3.98 10.14 -28.83
N LEU B 16 3.13 9.12 -28.63
CA LEU B 16 2.15 8.77 -29.64
C LEU B 16 0.79 9.37 -29.29
N TRP B 17 0.55 9.60 -28.00
CA TRP B 17 -0.70 10.20 -27.51
C TRP B 17 -0.43 11.17 -26.36
N PRO B 18 -1.18 12.29 -26.32
CA PRO B 18 -1.09 13.37 -25.32
C PRO B 18 -1.56 13.14 -23.89
N PHE B 19 -1.08 12.07 -23.25
CA PHE B 19 -1.48 11.81 -21.87
C PHE B 19 -0.73 10.60 -21.35
N TRP B 20 -0.91 10.29 -20.07
CA TRP B 20 -0.28 9.13 -19.46
C TRP B 20 -1.38 8.08 -19.40
N VAL B 21 -1.20 6.95 -20.07
CA VAL B 21 -2.24 5.93 -20.07
C VAL B 21 -2.56 5.37 -18.69
N ASP B 22 -1.65 5.51 -17.73
CA ASP B 22 -1.89 4.99 -16.39
C ASP B 22 -2.50 6.06 -15.48
N THR B 23 -2.81 7.23 -16.05
CA THR B 23 -3.33 8.30 -15.22
C THR B 23 -4.56 9.07 -15.72
N HIS B 24 -4.46 9.60 -16.93
CA HIS B 24 -5.52 10.42 -17.52
C HIS B 24 -6.77 9.70 -18.04
N VAL B 25 -6.75 8.37 -18.09
CA VAL B 25 -7.89 7.64 -18.62
C VAL B 25 -8.21 6.38 -17.83
N ASP B 26 -9.49 6.00 -17.87
CA ASP B 26 -9.96 4.81 -17.17
C ASP B 26 -10.23 3.65 -18.12
N PRO B 27 -9.36 2.62 -18.09
CA PRO B 27 -9.51 1.43 -18.95
C PRO B 27 -10.76 0.66 -18.52
N PRO B 28 -11.29 -0.22 -19.40
CA PRO B 28 -10.80 -0.52 -20.75
C PRO B 28 -11.18 0.58 -21.73
N PHE B 29 -10.80 0.41 -22.99
CA PHE B 29 -11.12 1.39 -24.02
C PHE B 29 -11.92 0.69 -25.12
N HIS B 30 -12.60 1.47 -25.94
CA HIS B 30 -13.40 0.91 -27.01
C HIS B 30 -13.70 1.94 -28.09
N LYS B 31 -13.97 1.46 -29.30
CA LYS B 31 -14.33 2.34 -30.41
C LYS B 31 -15.81 2.59 -30.21
N SER B 32 -16.22 3.86 -30.16
CA SER B 32 -17.61 4.21 -29.91
C SER B 32 -18.51 4.41 -31.13
N SER B 33 -19.70 4.96 -30.88
CA SER B 33 -20.71 5.18 -31.91
C SER B 33 -20.24 5.77 -33.23
N ASP B 34 -19.26 6.66 -33.17
CA ASP B 34 -18.76 7.30 -34.39
C ASP B 34 -17.31 6.90 -34.67
N GLY B 35 -16.86 5.83 -34.04
CA GLY B 35 -15.51 5.36 -34.24
C GLY B 35 -14.49 5.90 -33.25
N THR B 36 -14.79 7.01 -32.57
CA THR B 36 -13.84 7.57 -31.62
C THR B 36 -13.57 6.59 -30.48
N VAL B 37 -12.30 6.47 -30.09
CA VAL B 37 -11.93 5.58 -28.98
C VAL B 37 -12.29 6.29 -27.68
N ARG B 38 -12.87 5.54 -26.74
CA ARG B 38 -13.26 6.13 -25.46
C ARG B 38 -12.99 5.21 -24.27
N ASP B 39 -12.86 5.80 -23.09
CA ASP B 39 -12.62 5.04 -21.87
C ASP B 39 -13.95 4.96 -21.10
N ARG B 40 -13.91 4.38 -19.90
CA ARG B 40 -15.12 4.24 -19.09
C ARG B 40 -15.85 5.54 -18.77
N ARG B 41 -15.16 6.67 -18.89
CA ARG B 41 -15.77 7.97 -18.62
C ARG B 41 -16.14 8.70 -19.90
N GLY B 42 -16.10 7.97 -21.02
CA GLY B 42 -16.43 8.57 -22.30
C GLY B 42 -15.45 9.61 -22.81
N GLN B 43 -14.24 9.65 -22.26
CA GLN B 43 -13.26 10.63 -22.74
C GLN B 43 -12.82 10.29 -24.17
N ASN B 44 -12.66 11.32 -24.99
CA ASN B 44 -12.24 11.13 -26.38
C ASN B 44 -10.73 10.91 -26.45
N ILE B 45 -10.32 9.67 -26.68
CA ILE B 45 -8.90 9.33 -26.77
C ILE B 45 -8.42 9.51 -28.21
N GLN B 46 -7.38 10.32 -28.38
CA GLN B 46 -6.82 10.58 -29.72
C GLN B 46 -5.29 10.48 -29.70
N LEU B 47 -4.71 10.15 -30.85
CA LEU B 47 -3.26 10.08 -31.00
C LEU B 47 -2.86 11.48 -31.41
N TYR B 48 -1.56 11.78 -31.43
CA TYR B 48 -1.17 13.09 -31.92
C TYR B 48 -1.56 12.96 -33.39
N PRO B 49 -2.06 14.05 -34.00
CA PRO B 49 -2.50 14.08 -35.40
C PRO B 49 -1.64 13.45 -36.50
N GLU B 50 -0.33 13.56 -36.40
CA GLU B 50 0.50 13.01 -37.46
C GLU B 50 1.18 11.67 -37.19
N VAL B 51 0.77 10.96 -36.14
CA VAL B 51 1.38 9.68 -35.82
C VAL B 51 1.36 8.65 -36.95
N PRO B 52 0.18 8.40 -37.57
CA PRO B 52 0.15 7.43 -38.66
C PRO B 52 1.14 7.77 -39.78
N GLU B 53 1.19 9.05 -40.14
CA GLU B 53 2.10 9.50 -41.18
C GLU B 53 3.55 9.35 -40.75
N VAL B 54 3.82 9.58 -39.46
CA VAL B 54 5.16 9.46 -38.92
C VAL B 54 5.63 8.00 -39.01
N LEU B 55 4.78 7.07 -38.59
CA LEU B 55 5.15 5.67 -38.63
C LEU B 55 5.18 5.17 -40.07
N GLY B 56 4.32 5.75 -40.90
CA GLY B 56 4.27 5.36 -42.29
C GLY B 56 5.55 5.79 -42.99
N ARG B 57 6.03 6.98 -42.65
CA ARG B 57 7.25 7.54 -43.22
C ARG B 57 8.44 6.62 -42.93
N LEU B 58 8.49 6.09 -41.71
CA LEU B 58 9.58 5.20 -41.33
C LEU B 58 9.47 3.93 -42.16
N GLN B 59 8.24 3.47 -42.35
CA GLN B 59 7.99 2.26 -43.15
C GLN B 59 8.54 2.49 -44.56
N SER B 60 8.23 3.64 -45.12
CA SER B 60 8.68 4.01 -46.46
C SER B 60 10.21 4.02 -46.55
N LEU B 61 10.86 4.47 -45.47
CA LEU B 61 12.33 4.52 -45.44
C LEU B 61 13.00 3.19 -45.16
N GLY B 62 12.21 2.19 -44.76
CA GLY B 62 12.76 0.87 -44.49
C GLY B 62 13.34 0.74 -43.10
N VAL B 63 12.97 1.66 -42.22
CA VAL B 63 13.46 1.68 -40.84
C VAL B 63 12.45 0.96 -39.93
N PRO B 64 12.84 -0.20 -39.39
CA PRO B 64 11.95 -0.95 -38.50
C PRO B 64 11.64 -0.11 -37.27
N VAL B 65 10.44 -0.28 -36.72
CA VAL B 65 10.01 0.48 -35.55
C VAL B 65 9.64 -0.41 -34.36
N ALA B 66 9.96 0.09 -33.17
CA ALA B 66 9.67 -0.62 -31.94
C ALA B 66 9.14 0.37 -30.91
N ALA B 67 8.51 -0.15 -29.87
CA ALA B 67 8.00 0.69 -28.80
C ALA B 67 8.65 0.25 -27.50
N ALA B 68 8.97 1.22 -26.66
CA ALA B 68 9.57 0.95 -25.37
C ALA B 68 8.89 1.87 -24.36
N SER B 69 8.00 1.29 -23.55
CA SER B 69 7.26 2.05 -22.55
C SER B 69 7.48 1.50 -21.15
N ARG B 70 7.48 2.38 -20.15
CA ARG B 70 7.65 2.00 -18.75
C ARG B 70 6.32 1.89 -18.01
N THR B 71 5.21 2.03 -18.73
CA THR B 71 3.91 2.01 -18.06
C THR B 71 3.52 0.76 -17.29
N SER B 72 2.79 0.94 -16.20
CA SER B 72 2.31 -0.19 -15.41
C SER B 72 0.97 -0.62 -15.98
N GLU B 73 0.36 0.26 -16.76
CA GLU B 73 -0.91 -0.02 -17.39
C GLU B 73 -0.61 -0.63 -18.75
N ILE B 74 -0.06 -1.85 -18.71
CA ILE B 74 0.36 -2.61 -19.89
C ILE B 74 -0.80 -3.03 -20.78
N GLN B 75 -1.87 -3.56 -20.19
CA GLN B 75 -3.02 -3.99 -20.96
C GLN B 75 -3.65 -2.82 -21.68
N GLY B 76 -3.77 -1.70 -20.99
CA GLY B 76 -4.36 -0.52 -21.58
C GLY B 76 -3.55 0.00 -22.75
N ALA B 77 -2.22 0.00 -22.60
CA ALA B 77 -1.35 0.48 -23.66
C ALA B 77 -1.50 -0.36 -24.92
N ASN B 78 -1.46 -1.67 -24.77
CA ASN B 78 -1.60 -2.55 -25.92
C ASN B 78 -2.97 -2.41 -26.59
N GLN B 79 -4.03 -2.28 -25.80
CA GLN B 79 -5.36 -2.13 -26.37
C GLN B 79 -5.44 -0.88 -27.24
N LEU B 80 -4.83 0.21 -26.79
CA LEU B 80 -4.83 1.45 -27.57
C LEU B 80 -4.10 1.23 -28.89
N LEU B 81 -2.93 0.60 -28.85
CA LEU B 81 -2.18 0.34 -30.07
C LEU B 81 -3.05 -0.39 -31.09
N GLU B 82 -3.85 -1.34 -30.60
CA GLU B 82 -4.74 -2.12 -31.45
C GLU B 82 -5.97 -1.36 -31.93
N LEU B 83 -6.58 -0.58 -31.03
CA LEU B 83 -7.77 0.18 -31.40
C LEU B 83 -7.42 1.27 -32.41
N PHE B 84 -6.19 1.78 -32.33
CA PHE B 84 -5.75 2.83 -33.25
C PHE B 84 -5.08 2.25 -34.50
N ASP B 85 -5.11 0.93 -34.62
CA ASP B 85 -4.53 0.24 -35.78
C ASP B 85 -3.07 0.62 -35.98
N LEU B 86 -2.28 0.52 -34.93
CA LEU B 86 -0.86 0.86 -34.98
C LEU B 86 0.05 -0.36 -34.87
N GLY B 87 -0.52 -1.49 -34.48
CA GLY B 87 0.27 -2.71 -34.35
C GLY B 87 1.06 -3.04 -35.60
N LYS B 88 0.45 -2.78 -36.76
CA LYS B 88 1.08 -3.05 -38.03
C LYS B 88 2.41 -2.30 -38.22
N TYR B 89 2.60 -1.23 -37.47
CA TYR B 89 3.81 -0.43 -37.59
C TYR B 89 5.00 -0.89 -36.74
N PHE B 90 4.74 -1.74 -35.75
CA PHE B 90 5.80 -2.19 -34.86
C PHE B 90 6.22 -3.64 -35.02
N ILE B 91 7.54 -3.86 -35.01
CA ILE B 91 8.09 -5.21 -35.12
C ILE B 91 8.42 -5.74 -33.72
N GLN B 92 8.44 -4.84 -32.75
CA GLN B 92 8.74 -5.22 -31.36
C GLN B 92 8.09 -4.23 -30.40
N ARG B 93 7.68 -4.74 -29.25
CA ARG B 93 7.07 -3.90 -28.21
C ARG B 93 7.60 -4.33 -26.86
N GLU B 94 8.17 -3.39 -26.12
CA GLU B 94 8.67 -3.67 -24.78
C GLU B 94 7.88 -2.69 -23.91
N ILE B 95 6.82 -3.21 -23.27
CA ILE B 95 5.92 -2.41 -22.44
C ILE B 95 5.81 -2.99 -21.03
N TYR B 96 6.53 -2.39 -20.09
CA TYR B 96 6.53 -2.84 -18.70
C TYR B 96 7.42 -1.92 -17.86
N PRO B 97 7.15 -1.83 -16.55
CA PRO B 97 7.91 -0.99 -15.61
C PRO B 97 9.41 -1.26 -15.55
N GLY B 98 10.16 -0.25 -15.12
CA GLY B 98 11.60 -0.39 -14.99
C GLY B 98 12.42 0.51 -15.92
N SER B 99 13.70 0.68 -15.60
N SER B 99 13.69 0.68 -15.60
CA SER B 99 14.59 1.49 -16.42
CA SER B 99 14.59 1.49 -16.42
C SER B 99 14.56 0.94 -17.85
C SER B 99 14.57 0.94 -17.85
N LYS B 100 14.50 1.82 -18.84
CA LYS B 100 14.45 1.38 -20.22
C LYS B 100 15.71 0.75 -20.78
N VAL B 101 16.78 0.73 -19.99
CA VAL B 101 18.01 0.09 -20.43
C VAL B 101 17.64 -1.38 -20.67
N THR B 102 16.76 -1.91 -19.83
CA THR B 102 16.31 -3.30 -19.96
C THR B 102 15.54 -3.48 -21.27
N HIS B 103 14.58 -2.60 -21.51
CA HIS B 103 13.78 -2.66 -22.74
C HIS B 103 14.71 -2.65 -23.95
N PHE B 104 15.72 -1.79 -23.94
CA PHE B 104 16.63 -1.70 -25.06
C PHE B 104 17.57 -2.88 -25.23
N GLU B 105 17.99 -3.48 -24.12
CA GLU B 105 18.86 -4.65 -24.22
C GLU B 105 18.08 -5.76 -24.92
N ARG B 106 16.78 -5.85 -24.61
CA ARG B 106 15.96 -6.87 -25.24
C ARG B 106 15.74 -6.55 -26.71
N LEU B 107 15.53 -5.28 -27.02
CA LEU B 107 15.34 -4.86 -28.41
C LEU B 107 16.60 -5.19 -29.20
N HIS B 108 17.76 -4.96 -28.58
CA HIS B 108 19.02 -5.26 -29.23
C HIS B 108 19.14 -6.77 -29.44
N HIS B 109 18.76 -7.54 -28.42
CA HIS B 109 18.82 -8.98 -28.48
C HIS B 109 17.94 -9.56 -29.57
N LYS B 110 16.72 -9.03 -29.70
CA LYS B 110 15.76 -9.52 -30.68
C LYS B 110 15.94 -9.00 -32.11
N THR B 111 16.54 -7.83 -32.27
CA THR B 111 16.70 -7.27 -33.61
C THR B 111 18.12 -7.41 -34.14
N GLY B 112 19.09 -7.49 -33.23
CA GLY B 112 20.47 -7.61 -33.63
C GLY B 112 21.08 -6.27 -34.01
N VAL B 113 20.29 -5.21 -33.89
CA VAL B 113 20.76 -3.87 -34.21
C VAL B 113 21.57 -3.32 -33.04
N PRO B 114 22.79 -2.82 -33.33
CA PRO B 114 23.60 -2.28 -32.23
C PRO B 114 22.97 -0.99 -31.71
N PHE B 115 23.25 -0.65 -30.46
CA PHE B 115 22.67 0.54 -29.86
C PHE B 115 22.96 1.83 -30.61
N SER B 116 24.18 1.97 -31.10
CA SER B 116 24.57 3.18 -31.82
C SER B 116 23.76 3.40 -33.09
N GLN B 117 23.15 2.34 -33.61
CA GLN B 117 22.35 2.48 -34.83
C GLN B 117 20.86 2.63 -34.56
N MET B 118 20.52 2.93 -33.31
CA MET B 118 19.12 3.12 -32.95
C MET B 118 18.83 4.58 -32.66
N VAL B 119 17.60 5.02 -32.96
CA VAL B 119 17.19 6.39 -32.61
C VAL B 119 16.00 6.17 -31.68
N PHE B 120 15.84 7.04 -30.69
CA PHE B 120 14.78 6.87 -29.70
C PHE B 120 14.09 8.21 -29.38
N PHE B 121 12.76 8.19 -29.34
CA PHE B 121 11.96 9.38 -29.02
C PHE B 121 11.21 9.12 -27.72
N ASP B 122 11.38 10.01 -26.75
CA ASP B 122 10.73 9.84 -25.46
C ASP B 122 10.49 11.21 -24.81
N ASP B 123 9.42 11.31 -24.04
CA ASP B 123 9.03 12.55 -23.37
C ASP B 123 9.69 12.77 -22.00
N GLU B 124 10.18 11.69 -21.41
CA GLU B 124 10.80 11.79 -20.09
C GLU B 124 12.31 11.93 -20.10
N ASN B 125 12.80 12.91 -19.35
CA ASN B 125 14.23 13.16 -19.27
C ASN B 125 15.01 11.97 -18.74
N ARG B 126 14.45 11.29 -17.75
CA ARG B 126 15.14 10.14 -17.17
C ARG B 126 15.32 9.00 -18.16
N ASN B 127 14.33 8.78 -19.02
CA ASN B 127 14.44 7.72 -20.00
C ASN B 127 15.53 8.10 -21.00
N ILE B 128 15.56 9.38 -21.39
CA ILE B 128 16.57 9.88 -22.33
C ILE B 128 17.98 9.68 -21.75
N ILE B 129 18.10 9.92 -20.45
CA ILE B 129 19.38 9.76 -19.75
C ILE B 129 19.80 8.28 -19.66
N ASP B 130 18.89 7.43 -19.19
CA ASP B 130 19.21 6.02 -19.05
C ASP B 130 19.59 5.37 -20.39
N VAL B 131 18.73 5.50 -21.39
CA VAL B 131 18.99 4.91 -22.69
C VAL B 131 20.18 5.57 -23.38
N GLY B 132 20.41 6.84 -23.06
CA GLY B 132 21.52 7.55 -23.65
C GLY B 132 22.87 6.89 -23.35
N ARG B 133 23.01 6.32 -22.16
CA ARG B 133 24.27 5.67 -21.77
C ARG B 133 24.65 4.52 -22.69
N LEU B 134 23.68 3.99 -23.45
CA LEU B 134 23.96 2.88 -24.35
C LEU B 134 24.51 3.32 -25.72
N GLY B 135 24.46 4.61 -26.02
CA GLY B 135 24.95 5.06 -27.30
C GLY B 135 23.83 5.30 -28.30
N VAL B 136 22.60 5.00 -27.89
CA VAL B 136 21.42 5.23 -28.72
C VAL B 136 21.25 6.74 -28.88
N THR B 137 20.79 7.19 -30.04
CA THR B 137 20.56 8.62 -30.22
C THR B 137 19.17 8.87 -29.65
N CYS B 138 19.13 9.59 -28.54
CA CYS B 138 17.89 9.88 -27.84
C CYS B 138 17.37 11.28 -28.07
N ILE B 139 16.17 11.35 -28.67
CA ILE B 139 15.53 12.62 -28.98
C ILE B 139 14.48 12.94 -27.92
N HIS B 140 14.78 13.89 -27.04
CA HIS B 140 13.82 14.27 -26.02
C HIS B 140 12.79 15.18 -26.68
N ILE B 141 11.54 14.77 -26.72
CA ILE B 141 10.50 15.59 -27.33
C ILE B 141 9.67 16.31 -26.28
N ARG B 142 9.04 17.41 -26.67
CA ARG B 142 8.23 18.19 -25.75
C ARG B 142 6.75 18.30 -26.09
N ASP B 143 6.39 17.98 -27.32
CA ASP B 143 5.00 18.07 -27.73
C ASP B 143 4.56 16.90 -28.61
N GLY B 144 5.04 15.70 -28.29
CA GLY B 144 4.65 14.53 -29.07
C GLY B 144 5.26 14.47 -30.46
N MET B 145 5.05 13.34 -31.13
CA MET B 145 5.57 13.14 -32.48
C MET B 145 4.79 13.91 -33.54
N SER B 146 5.49 14.24 -34.61
CA SER B 146 4.92 14.94 -35.76
C SER B 146 5.96 14.73 -36.85
N LEU B 147 5.62 15.04 -38.09
CA LEU B 147 6.56 14.84 -39.19
C LEU B 147 7.82 15.70 -39.03
N GLN B 148 7.64 16.93 -38.57
CA GLN B 148 8.76 17.84 -38.36
C GLN B 148 9.66 17.28 -37.26
N THR B 149 9.07 16.82 -36.17
CA THR B 149 9.85 16.25 -35.07
C THR B 149 10.60 14.98 -35.51
N LEU B 150 9.97 14.18 -36.35
CA LEU B 150 10.62 12.96 -36.83
C LEU B 150 11.83 13.34 -37.68
N THR B 151 11.60 14.22 -38.65
CA THR B 151 12.67 14.65 -39.54
C THR B 151 13.87 15.20 -38.77
N GLN B 152 13.62 16.06 -37.78
CA GLN B 152 14.71 16.63 -36.99
C GLN B 152 15.44 15.53 -36.22
N GLY B 153 14.69 14.57 -35.70
CA GLY B 153 15.30 13.47 -34.96
C GLY B 153 16.25 12.69 -35.85
N LEU B 154 15.81 12.40 -37.07
CA LEU B 154 16.64 11.66 -38.01
C LEU B 154 17.88 12.45 -38.39
N GLU B 155 17.74 13.77 -38.47
CA GLU B 155 18.87 14.64 -38.79
C GLU B 155 19.89 14.58 -37.63
N THR B 156 19.39 14.59 -36.40
CA THR B 156 20.26 14.53 -35.23
C THR B 156 21.01 13.21 -35.20
N PHE B 157 20.33 12.13 -35.58
CA PHE B 157 20.96 10.81 -35.60
C PHE B 157 22.05 10.79 -36.66
N ALA B 158 21.69 11.25 -37.86
CA ALA B 158 22.64 11.27 -38.97
C ALA B 158 23.91 12.02 -38.60
N LYS B 159 23.75 13.18 -37.94
CA LYS B 159 24.88 13.99 -37.52
C LYS B 159 25.80 13.25 -36.54
N ALA B 160 25.19 12.60 -35.55
CA ALA B 160 25.95 11.86 -34.55
C ALA B 160 26.78 10.77 -35.21
N GLN B 161 26.18 10.09 -36.19
CA GLN B 161 26.86 9.02 -36.89
C GLN B 161 27.93 9.53 -37.84
N ALA B 162 27.73 10.73 -38.38
CA ALA B 162 28.69 11.32 -39.30
C ALA B 162 29.86 11.92 -38.50
N GLY B 163 29.54 12.41 -37.30
CA GLY B 163 30.55 13.00 -36.43
C GLY B 163 31.22 14.22 -37.03
N THR C 2 -9.53 6.40 -11.39
CA THR C 2 -10.03 5.47 -10.32
C THR C 2 -9.15 4.22 -10.27
N ARG C 3 -8.11 4.27 -9.46
CA ARG C 3 -7.19 3.14 -9.32
C ARG C 3 -7.84 1.91 -8.72
N LEU C 4 -7.58 0.77 -9.33
CA LEU C 4 -8.10 -0.52 -8.87
C LEU C 4 -6.96 -1.30 -8.24
N PRO C 5 -7.27 -2.10 -7.20
CA PRO C 5 -6.20 -2.86 -6.56
C PRO C 5 -5.64 -3.91 -7.51
N LYS C 6 -4.38 -4.27 -7.33
CA LYS C 6 -3.76 -5.27 -8.19
C LYS C 6 -3.83 -6.63 -7.49
N LEU C 7 -4.45 -6.65 -6.32
CA LEU C 7 -4.63 -7.88 -5.55
C LEU C 7 -5.57 -7.64 -4.38
N ALA C 8 -6.62 -8.45 -4.29
CA ALA C 8 -7.57 -8.36 -3.20
C ALA C 8 -7.30 -9.58 -2.33
N VAL C 9 -7.15 -9.37 -1.02
CA VAL C 9 -6.85 -10.47 -0.12
C VAL C 9 -7.93 -10.61 0.94
N PHE C 10 -8.37 -11.85 1.16
CA PHE C 10 -9.42 -12.07 2.14
C PHE C 10 -9.07 -12.99 3.28
N ASP C 11 -9.53 -12.57 4.45
CA ASP C 11 -9.40 -13.34 5.66
C ASP C 11 -10.48 -14.39 5.43
N LEU C 12 -10.55 -15.42 6.27
CA LEU C 12 -11.56 -16.46 6.08
C LEU C 12 -12.66 -16.48 7.15
N ASP C 13 -12.31 -16.85 8.38
CA ASP C 13 -13.32 -16.90 9.45
C ASP C 13 -14.00 -15.55 9.64
N TYR C 14 -15.33 -15.55 9.59
CA TYR C 14 -16.11 -14.33 9.75
C TYR C 14 -15.88 -13.28 8.68
N THR C 15 -15.32 -13.71 7.56
CA THR C 15 -15.10 -12.81 6.43
C THR C 15 -15.77 -13.46 5.22
N LEU C 16 -15.48 -14.74 5.00
CA LEU C 16 -16.12 -15.45 3.91
C LEU C 16 -17.21 -16.35 4.48
N TRP C 17 -17.06 -16.73 5.75
CA TRP C 17 -18.06 -17.56 6.42
C TRP C 17 -18.22 -17.17 7.90
N PRO C 18 -19.46 -17.25 8.43
CA PRO C 18 -19.85 -16.92 9.80
C PRO C 18 -19.49 -17.88 10.94
N PHE C 19 -18.19 -18.17 11.09
CA PHE C 19 -17.74 -19.06 12.16
C PHE C 19 -16.22 -19.17 12.17
N TRP C 20 -15.69 -19.84 13.21
CA TRP C 20 -14.25 -20.11 13.30
C TRP C 20 -14.15 -21.55 12.87
N VAL C 21 -13.45 -21.80 11.76
CA VAL C 21 -13.31 -23.16 11.24
C VAL C 21 -12.60 -24.09 12.22
N ASP C 22 -11.89 -23.53 13.19
CA ASP C 22 -11.18 -24.34 14.17
C ASP C 22 -12.00 -24.50 15.45
N THR C 23 -13.24 -23.99 15.47
CA THR C 23 -14.06 -24.05 16.68
C THR C 23 -15.50 -24.52 16.56
N HIS C 24 -16.30 -23.80 15.78
CA HIS C 24 -17.72 -24.13 15.65
C HIS C 24 -18.12 -25.30 14.76
N VAL C 25 -17.20 -25.77 13.92
CA VAL C 25 -17.50 -26.88 13.02
C VAL C 25 -16.51 -28.02 13.24
N ASP C 26 -16.84 -29.20 12.71
CA ASP C 26 -16.00 -30.39 12.88
C ASP C 26 -15.56 -31.01 11.54
N PRO C 27 -14.39 -30.61 11.04
CA PRO C 27 -13.86 -31.13 9.77
C PRO C 27 -13.55 -32.62 9.87
N PRO C 28 -13.45 -33.33 8.74
CA PRO C 28 -13.61 -32.82 7.36
C PRO C 28 -15.06 -32.54 6.98
N PHE C 29 -15.26 -31.92 5.83
CA PHE C 29 -16.59 -31.59 5.33
C PHE C 29 -16.88 -32.44 4.09
N HIS C 30 -18.13 -32.42 3.66
CA HIS C 30 -18.55 -33.15 2.47
C HIS C 30 -19.81 -32.50 1.95
N LYS C 31 -20.02 -32.63 0.64
CA LYS C 31 -21.20 -32.07 0.00
C LYS C 31 -22.29 -33.13 0.08
N SER C 32 -23.35 -32.83 0.83
CA SER C 32 -24.45 -33.77 1.00
C SER C 32 -25.24 -33.94 -0.29
N SER C 33 -26.18 -34.88 -0.28
CA SER C 33 -27.01 -35.15 -1.45
C SER C 33 -27.79 -33.90 -1.85
N ASP C 34 -28.37 -33.22 -0.87
CA ASP C 34 -29.15 -32.01 -1.12
C ASP C 34 -28.29 -30.86 -1.61
N GLY C 35 -27.03 -31.14 -1.91
CA GLY C 35 -26.15 -30.10 -2.41
C GLY C 35 -25.47 -29.23 -1.37
N THR C 36 -25.97 -29.24 -0.14
CA THR C 36 -25.38 -28.43 0.93
C THR C 36 -24.08 -29.04 1.43
N VAL C 37 -23.24 -28.21 2.04
CA VAL C 37 -21.98 -28.66 2.63
C VAL C 37 -22.26 -28.98 4.08
N ARG C 38 -21.73 -30.10 4.56
CA ARG C 38 -21.95 -30.55 5.93
C ARG C 38 -20.62 -30.89 6.61
N ASP C 39 -20.60 -30.81 7.94
CA ASP C 39 -19.39 -31.19 8.68
C ASP C 39 -19.72 -32.54 9.33
N ARG C 40 -18.79 -33.09 10.10
CA ARG C 40 -19.00 -34.39 10.74
C ARG C 40 -20.21 -34.48 11.68
N ARG C 41 -20.70 -33.34 12.14
CA ARG C 41 -21.87 -33.34 13.02
C ARG C 41 -23.14 -33.06 12.23
N GLY C 42 -23.03 -33.08 10.91
CA GLY C 42 -24.17 -32.82 10.06
C GLY C 42 -24.65 -31.38 10.12
N GLN C 43 -23.77 -30.45 10.48
CA GLN C 43 -24.13 -29.04 10.57
C GLN C 43 -24.26 -28.44 9.17
N ASN C 44 -25.17 -27.49 9.02
CA ASN C 44 -25.40 -26.82 7.75
C ASN C 44 -24.34 -25.74 7.53
N ILE C 45 -23.30 -26.06 6.77
CA ILE C 45 -22.22 -25.11 6.52
C ILE C 45 -22.53 -24.16 5.36
N GLN C 46 -22.37 -22.86 5.60
CA GLN C 46 -22.65 -21.86 4.57
C GLN C 46 -21.78 -20.61 4.64
N LEU C 47 -21.54 -20.02 3.48
CA LEU C 47 -20.74 -18.81 3.38
C LEU C 47 -21.67 -17.63 3.59
N TYR C 48 -21.12 -16.43 3.68
CA TYR C 48 -21.99 -15.26 3.76
C TYR C 48 -22.57 -15.35 2.34
N PRO C 49 -23.90 -15.23 2.21
CA PRO C 49 -24.60 -15.33 0.93
C PRO C 49 -24.01 -14.80 -0.38
N GLU C 50 -23.48 -13.59 -0.41
CA GLU C 50 -22.97 -13.03 -1.65
C GLU C 50 -21.49 -13.25 -1.97
N VAL C 51 -20.82 -14.08 -1.17
CA VAL C 51 -19.39 -14.31 -1.39
C VAL C 51 -19.01 -14.75 -2.81
N PRO C 52 -19.71 -15.76 -3.37
CA PRO C 52 -19.36 -16.19 -4.72
C PRO C 52 -19.35 -15.06 -5.75
N GLU C 53 -20.38 -14.22 -5.72
CA GLU C 53 -20.47 -13.11 -6.66
C GLU C 53 -19.42 -12.04 -6.38
N VAL C 54 -19.05 -11.88 -5.11
CA VAL C 54 -18.03 -10.89 -4.74
C VAL C 54 -16.73 -11.31 -5.43
N LEU C 55 -16.37 -12.58 -5.28
CA LEU C 55 -15.17 -13.08 -5.90
C LEU C 55 -15.31 -13.01 -7.42
N GLY C 56 -16.52 -13.24 -7.91
CA GLY C 56 -16.76 -13.18 -9.35
C GLY C 56 -16.62 -11.77 -9.91
N ARG C 57 -17.09 -10.77 -9.17
CA ARG C 57 -16.99 -9.39 -9.65
C ARG C 57 -15.53 -8.98 -9.80
N LEU C 58 -14.71 -9.33 -8.81
CA LEU C 58 -13.29 -9.00 -8.83
C LEU C 58 -12.61 -9.64 -10.05
N GLN C 59 -13.02 -10.86 -10.37
CA GLN C 59 -12.47 -11.57 -11.51
C GLN C 59 -12.84 -10.84 -12.78
N SER C 60 -14.04 -10.26 -12.81
CA SER C 60 -14.52 -9.53 -13.96
C SER C 60 -13.80 -8.19 -14.09
N LEU C 61 -13.27 -7.71 -12.97
CA LEU C 61 -12.53 -6.45 -12.95
C LEU C 61 -11.06 -6.72 -13.27
N GLY C 62 -10.69 -7.99 -13.27
CA GLY C 62 -9.32 -8.37 -13.56
C GLY C 62 -8.44 -8.26 -12.33
N VAL C 63 -9.07 -8.21 -11.17
CA VAL C 63 -8.34 -8.12 -9.91
C VAL C 63 -8.19 -9.49 -9.27
N PRO C 64 -6.95 -10.02 -9.25
CA PRO C 64 -6.69 -11.34 -8.66
C PRO C 64 -7.01 -11.38 -7.16
N VAL C 65 -7.42 -12.55 -6.68
CA VAL C 65 -7.79 -12.72 -5.28
C VAL C 65 -6.91 -13.74 -4.56
N ALA C 66 -6.66 -13.48 -3.28
CA ALA C 66 -5.85 -14.38 -2.46
C ALA C 66 -6.47 -14.53 -1.06
N ALA C 67 -6.04 -15.55 -0.33
CA ALA C 67 -6.54 -15.78 1.01
C ALA C 67 -5.41 -15.61 2.03
N ALA C 68 -5.73 -15.06 3.19
CA ALA C 68 -4.74 -14.87 4.25
C ALA C 68 -5.43 -15.21 5.57
N SER C 69 -5.22 -16.44 6.04
CA SER C 69 -5.82 -16.94 7.27
C SER C 69 -4.79 -17.39 8.31
N ARG C 70 -5.13 -17.18 9.56
CA ARG C 70 -4.27 -17.52 10.69
C ARG C 70 -4.71 -18.82 11.37
N THR C 71 -5.70 -19.49 10.78
CA THR C 71 -6.22 -20.72 11.36
C THR C 71 -5.27 -21.91 11.33
N SER C 72 -5.39 -22.77 12.34
CA SER C 72 -4.57 -23.99 12.42
C SER C 72 -5.30 -25.11 11.68
N GLU C 73 -6.60 -24.90 11.43
CA GLU C 73 -7.38 -25.89 10.71
C GLU C 73 -7.20 -25.66 9.23
N ILE C 74 -5.96 -25.89 8.78
CA ILE C 74 -5.55 -25.70 7.40
C ILE C 74 -6.31 -26.56 6.41
N GLN C 75 -6.41 -27.86 6.68
CA GLN C 75 -7.10 -28.77 5.78
C GLN C 75 -8.60 -28.44 5.71
N GLY C 76 -9.16 -28.05 6.85
CA GLY C 76 -10.57 -27.72 6.89
C GLY C 76 -10.85 -26.47 6.09
N ALA C 77 -10.00 -25.45 6.25
CA ALA C 77 -10.16 -24.19 5.53
C ALA C 77 -10.09 -24.41 4.03
N ASN C 78 -9.03 -25.06 3.56
CA ASN C 78 -8.88 -25.33 2.13
C ASN C 78 -10.06 -26.11 1.58
N GLN C 79 -10.49 -27.13 2.30
CA GLN C 79 -11.61 -27.95 1.85
C GLN C 79 -12.89 -27.14 1.61
N LEU C 80 -13.18 -26.18 2.48
CA LEU C 80 -14.38 -25.37 2.32
C LEU C 80 -14.31 -24.54 1.04
N LEU C 81 -13.13 -24.00 0.74
CA LEU C 81 -12.95 -23.19 -0.46
C LEU C 81 -13.22 -24.04 -1.71
N GLU C 82 -12.85 -25.32 -1.64
CA GLU C 82 -13.07 -26.23 -2.75
C GLU C 82 -14.55 -26.59 -2.86
N LEU C 83 -15.12 -27.10 -1.77
CA LEU C 83 -16.52 -27.49 -1.74
C LEU C 83 -17.51 -26.40 -2.17
N PHE C 84 -17.17 -25.14 -1.93
CA PHE C 84 -18.04 -24.05 -2.32
C PHE C 84 -17.68 -23.50 -3.70
N ASP C 85 -16.86 -24.26 -4.43
CA ASP C 85 -16.43 -23.87 -5.77
C ASP C 85 -15.82 -22.47 -5.79
N LEU C 86 -14.87 -22.22 -4.89
CA LEU C 86 -14.21 -20.93 -4.81
C LEU C 86 -12.74 -21.06 -5.20
N GLY C 87 -12.25 -22.30 -5.23
CA GLY C 87 -10.86 -22.53 -5.57
C GLY C 87 -10.43 -21.79 -6.82
N LYS C 88 -11.31 -21.79 -7.81
CA LYS C 88 -11.05 -21.14 -9.09
C LYS C 88 -10.75 -19.65 -8.98
N TYR C 89 -11.23 -19.00 -7.92
CA TYR C 89 -11.01 -17.57 -7.75
C TYR C 89 -9.69 -17.18 -7.06
N PHE C 90 -9.15 -18.06 -6.21
CA PHE C 90 -7.91 -17.74 -5.51
C PHE C 90 -6.64 -18.14 -6.24
N ILE C 91 -5.74 -17.19 -6.43
CA ILE C 91 -4.47 -17.47 -7.10
C ILE C 91 -3.47 -17.93 -6.05
N GLN C 92 -3.74 -17.58 -4.80
CA GLN C 92 -2.86 -17.95 -3.70
C GLN C 92 -3.66 -18.09 -2.40
N ARG C 93 -3.21 -18.99 -1.54
CA ARG C 93 -3.87 -19.20 -0.24
C ARG C 93 -2.82 -19.34 0.85
N GLU C 94 -2.72 -18.34 1.71
CA GLU C 94 -1.78 -18.42 2.82
C GLU C 94 -2.65 -18.75 4.02
N ILE C 95 -2.60 -20.00 4.45
CA ILE C 95 -3.41 -20.47 5.57
C ILE C 95 -2.56 -21.24 6.58
N TYR C 96 -2.24 -20.59 7.69
CA TYR C 96 -1.43 -21.17 8.74
C TYR C 96 -1.29 -20.17 9.87
N PRO C 97 -1.06 -20.66 11.10
CA PRO C 97 -0.91 -19.77 12.26
C PRO C 97 0.24 -18.79 12.07
N GLY C 98 0.20 -17.69 12.83
CA GLY C 98 1.25 -16.69 12.76
C GLY C 98 0.73 -15.28 12.51
N SER C 99 1.63 -14.30 12.55
CA SER C 99 1.26 -12.91 12.29
C SER C 99 0.98 -12.80 10.80
N LYS C 100 -0.06 -12.07 10.42
CA LYS C 100 -0.39 -11.96 9.01
C LYS C 100 0.59 -11.17 8.16
N VAL C 101 1.62 -10.59 8.80
CA VAL C 101 2.63 -9.87 8.05
C VAL C 101 3.37 -10.92 7.23
N THR C 102 3.43 -12.13 7.76
CA THR C 102 4.09 -13.25 7.09
C THR C 102 3.31 -13.67 5.84
N HIS C 103 2.01 -13.84 6.00
CA HIS C 103 1.16 -14.22 4.89
C HIS C 103 1.31 -13.20 3.77
N PHE C 104 1.31 -11.93 4.11
CA PHE C 104 1.43 -10.90 3.09
C PHE C 104 2.81 -10.83 2.43
N GLU C 105 3.86 -11.14 3.19
CA GLU C 105 5.20 -11.10 2.61
C GLU C 105 5.29 -12.17 1.54
N ARG C 106 4.78 -13.36 1.84
CA ARG C 106 4.79 -14.45 0.88
C ARG C 106 3.90 -14.12 -0.32
N LEU C 107 2.77 -13.46 -0.08
CA LEU C 107 1.89 -13.08 -1.19
C LEU C 107 2.65 -12.12 -2.10
N HIS C 108 3.31 -11.16 -1.48
CA HIS C 108 4.08 -10.16 -2.21
C HIS C 108 5.15 -10.84 -3.06
N HIS C 109 5.83 -11.83 -2.47
CA HIS C 109 6.88 -12.55 -3.18
C HIS C 109 6.37 -13.40 -4.34
N LYS C 110 5.26 -14.08 -4.15
CA LYS C 110 4.71 -14.92 -5.19
C LYS C 110 4.02 -14.15 -6.30
N THR C 111 3.32 -13.08 -5.93
CA THR C 111 2.60 -12.29 -6.93
C THR C 111 3.38 -11.14 -7.54
N GLY C 112 4.38 -10.64 -6.81
CA GLY C 112 5.15 -9.52 -7.30
C GLY C 112 4.37 -8.22 -7.16
N VAL C 113 3.20 -8.30 -6.52
CA VAL C 113 2.38 -7.11 -6.33
C VAL C 113 2.80 -6.29 -5.13
N PRO C 114 3.04 -4.98 -5.31
CA PRO C 114 3.45 -4.12 -4.18
C PRO C 114 2.36 -4.08 -3.11
N PHE C 115 2.77 -3.99 -1.84
CA PHE C 115 1.80 -3.92 -0.76
C PHE C 115 0.86 -2.74 -0.93
N SER C 116 1.41 -1.61 -1.39
CA SER C 116 0.64 -0.40 -1.60
C SER C 116 -0.52 -0.60 -2.56
N GLN C 117 -0.42 -1.60 -3.43
CA GLN C 117 -1.48 -1.86 -4.41
C GLN C 117 -2.42 -3.00 -4.03
N MET C 118 -2.40 -3.39 -2.76
CA MET C 118 -3.26 -4.47 -2.27
C MET C 118 -4.38 -3.94 -1.39
N VAL C 119 -5.53 -4.60 -1.44
CA VAL C 119 -6.63 -4.24 -0.56
C VAL C 119 -6.84 -5.52 0.23
N PHE C 120 -7.13 -5.38 1.52
CA PHE C 120 -7.29 -6.51 2.43
C PHE C 120 -8.58 -6.39 3.25
N PHE C 121 -9.37 -7.45 3.29
CA PHE C 121 -10.63 -7.47 4.05
C PHE C 121 -10.47 -8.46 5.21
N ASP C 122 -10.68 -7.98 6.44
CA ASP C 122 -10.53 -8.80 7.63
C ASP C 122 -11.43 -8.23 8.74
N ASP C 123 -12.04 -9.11 9.55
CA ASP C 123 -12.92 -8.64 10.61
C ASP C 123 -12.22 -8.32 11.94
N GLU C 124 -10.97 -8.73 12.09
CA GLU C 124 -10.25 -8.46 13.33
C GLU C 124 -9.29 -7.27 13.21
N ASN C 125 -9.43 -6.34 14.14
CA ASN C 125 -8.61 -5.15 14.13
C ASN C 125 -7.11 -5.42 14.27
N ARG C 126 -6.74 -6.45 15.03
CA ARG C 126 -5.31 -6.73 15.18
C ARG C 126 -4.66 -7.04 13.83
N ASN C 127 -5.37 -7.73 12.96
CA ASN C 127 -4.83 -8.04 11.63
C ASN C 127 -4.80 -6.77 10.76
N ILE C 128 -5.78 -5.90 10.95
CA ILE C 128 -5.86 -4.64 10.21
C ILE C 128 -4.60 -3.83 10.54
N ILE C 129 -4.28 -3.79 11.84
CA ILE C 129 -3.11 -3.06 12.33
C ILE C 129 -1.82 -3.67 11.79
N ASP C 130 -1.62 -4.97 12.01
CA ASP C 130 -0.41 -5.64 11.56
C ASP C 130 -0.14 -5.47 10.08
N VAL C 131 -1.13 -5.80 9.26
CA VAL C 131 -0.97 -5.71 7.82
C VAL C 131 -0.90 -4.27 7.30
N GLY C 132 -1.59 -3.36 7.99
CA GLY C 132 -1.57 -1.97 7.57
C GLY C 132 -0.20 -1.32 7.61
N ARG C 133 0.66 -1.82 8.50
CA ARG C 133 2.02 -1.27 8.63
C ARG C 133 2.85 -1.52 7.37
N LEU C 134 2.37 -2.42 6.52
CA LEU C 134 3.08 -2.75 5.28
C LEU C 134 2.69 -1.81 4.14
N GLY C 135 1.62 -1.05 4.34
CA GLY C 135 1.17 -0.12 3.31
C GLY C 135 -0.10 -0.59 2.63
N VAL C 136 -0.53 -1.81 2.95
CA VAL C 136 -1.73 -2.39 2.36
C VAL C 136 -2.95 -1.59 2.80
N THR C 137 -3.97 -1.52 1.93
CA THR C 137 -5.20 -0.83 2.28
C THR C 137 -6.03 -1.88 2.99
N CYS C 138 -6.28 -1.67 4.29
CA CYS C 138 -7.01 -2.63 5.08
C CYS C 138 -8.43 -2.20 5.41
N ILE C 139 -9.37 -3.06 5.07
CA ILE C 139 -10.79 -2.81 5.33
C ILE C 139 -11.28 -3.66 6.50
N HIS C 140 -11.60 -3.01 7.61
CA HIS C 140 -12.08 -3.70 8.80
C HIS C 140 -13.57 -3.92 8.61
N ILE C 141 -13.95 -5.15 8.32
CA ILE C 141 -15.36 -5.46 8.08
C ILE C 141 -16.11 -5.98 9.29
N ARG C 142 -17.42 -6.08 9.11
CA ARG C 142 -18.34 -6.57 10.13
C ARG C 142 -19.46 -7.26 9.35
N ASP C 143 -20.09 -8.25 9.96
CA ASP C 143 -21.18 -8.97 9.30
C ASP C 143 -20.73 -9.69 8.03
N GLY C 144 -19.43 -9.93 7.89
CA GLY C 144 -18.91 -10.64 6.74
C GLY C 144 -18.89 -9.90 5.41
N MET C 145 -18.32 -10.54 4.39
CA MET C 145 -18.23 -9.92 3.06
C MET C 145 -19.59 -9.91 2.37
N SER C 146 -19.79 -8.87 1.56
CA SER C 146 -21.04 -8.69 0.80
C SER C 146 -20.71 -7.83 -0.41
N LEU C 147 -21.62 -7.79 -1.37
CA LEU C 147 -21.41 -6.99 -2.57
C LEU C 147 -21.23 -5.52 -2.19
N GLN C 148 -22.01 -5.05 -1.22
CA GLN C 148 -21.90 -3.66 -0.78
C GLN C 148 -20.54 -3.41 -0.11
N THR C 149 -20.09 -4.39 0.67
CA THR C 149 -18.80 -4.27 1.36
C THR C 149 -17.66 -4.20 0.36
N LEU C 150 -17.79 -4.90 -0.76
CA LEU C 150 -16.78 -4.88 -1.80
C LEU C 150 -16.75 -3.50 -2.46
N THR C 151 -17.92 -3.02 -2.87
CA THR C 151 -17.99 -1.71 -3.51
C THR C 151 -17.33 -0.65 -2.63
N GLN C 152 -17.65 -0.70 -1.34
CA GLN C 152 -17.09 0.24 -0.37
C GLN C 152 -15.57 0.10 -0.23
N GLY C 153 -15.10 -1.14 -0.23
CA GLY C 153 -13.68 -1.40 -0.10
C GLY C 153 -12.89 -0.92 -1.29
N LEU C 154 -13.47 -1.10 -2.48
CA LEU C 154 -12.82 -0.66 -3.70
C LEU C 154 -12.78 0.85 -3.75
N GLU C 155 -13.80 1.48 -3.17
CA GLU C 155 -13.87 2.93 -3.12
C GLU C 155 -12.81 3.46 -2.17
N THR C 156 -12.68 2.81 -1.02
CA THR C 156 -11.69 3.20 -0.03
C THR C 156 -10.28 3.07 -0.60
N PHE C 157 -10.05 2.03 -1.40
CA PHE C 157 -8.74 1.82 -2.02
C PHE C 157 -8.48 2.91 -3.06
N ALA C 158 -9.49 3.20 -3.88
CA ALA C 158 -9.37 4.23 -4.91
C ALA C 158 -8.96 5.55 -4.27
N LYS C 159 -9.71 5.99 -3.27
CA LYS C 159 -9.43 7.24 -2.58
C LYS C 159 -8.03 7.25 -1.95
N ALA C 160 -7.60 6.12 -1.40
CA ALA C 160 -6.29 6.03 -0.78
C ALA C 160 -5.19 6.31 -1.79
N GLN C 161 -5.41 5.87 -3.03
CA GLN C 161 -4.45 6.06 -4.11
C GLN C 161 -4.59 7.44 -4.76
N ALA C 162 -5.50 8.25 -4.23
CA ALA C 162 -5.73 9.59 -4.76
C ALA C 162 -5.30 10.65 -3.75
N GLY C 163 -4.82 10.19 -2.59
CA GLY C 163 -4.38 11.11 -1.55
C GLY C 163 -5.41 11.31 -0.46
N LEU C 164 -6.59 10.75 -0.64
CA LEU C 164 -7.66 10.87 0.35
C LEU C 164 -7.63 9.76 1.40
N THR D 2 -20.90 6.70 40.57
CA THR D 2 -20.61 5.66 39.53
C THR D 2 -20.90 4.25 40.04
N ARG D 3 -21.62 3.47 39.25
CA ARG D 3 -21.90 2.09 39.64
C ARG D 3 -20.75 1.25 39.14
N LEU D 4 -20.17 0.43 40.02
CA LEU D 4 -19.04 -0.43 39.66
C LEU D 4 -19.50 -1.87 39.43
N PRO D 5 -18.79 -2.59 38.53
CA PRO D 5 -19.11 -3.98 38.23
C PRO D 5 -18.78 -4.91 39.39
N LYS D 6 -19.41 -6.07 39.43
CA LYS D 6 -19.16 -7.04 40.49
C LYS D 6 -18.04 -7.98 40.04
N LEU D 7 -17.58 -7.79 38.80
CA LEU D 7 -16.51 -8.59 38.25
C LEU D 7 -15.93 -7.93 36.99
N ALA D 8 -14.60 -7.86 36.94
CA ALA D 8 -13.91 -7.30 35.78
C ALA D 8 -13.14 -8.48 35.16
N VAL D 9 -13.40 -8.76 33.89
CA VAL D 9 -12.76 -9.88 33.21
C VAL D 9 -11.81 -9.39 32.11
N PHE D 10 -10.62 -9.96 32.07
CA PHE D 10 -9.64 -9.58 31.07
C PHE D 10 -9.21 -10.72 30.18
N ASP D 11 -8.97 -10.38 28.92
CA ASP D 11 -8.45 -11.35 27.97
C ASP D 11 -6.95 -11.22 28.31
N LEU D 12 -6.12 -12.05 27.71
CA LEU D 12 -4.69 -11.99 28.00
C LEU D 12 -3.92 -11.33 26.86
N ASP D 13 -3.91 -11.98 25.69
CA ASP D 13 -3.21 -11.46 24.52
C ASP D 13 -3.69 -10.08 24.14
N TYR D 14 -2.75 -9.19 23.86
CA TYR D 14 -3.09 -7.82 23.48
C TYR D 14 -4.01 -7.12 24.48
N THR D 15 -3.97 -7.57 25.72
CA THR D 15 -4.76 -6.97 26.79
C THR D 15 -3.79 -6.70 27.93
N LEU D 16 -3.10 -7.75 28.40
CA LEU D 16 -2.14 -7.60 29.47
C LEU D 16 -0.72 -7.53 28.88
N TRP D 17 -0.52 -8.16 27.72
CA TRP D 17 0.77 -8.15 27.03
C TRP D 17 0.54 -7.98 25.52
N PRO D 18 1.45 -7.26 24.84
CA PRO D 18 1.37 -6.98 23.40
C PRO D 18 1.74 -8.08 22.41
N PHE D 19 1.05 -9.21 22.44
CA PHE D 19 1.34 -10.30 21.51
C PHE D 19 0.43 -11.50 21.74
N TRP D 20 0.45 -12.46 20.81
CA TRP D 20 -0.33 -13.69 20.97
C TRP D 20 0.66 -14.68 21.56
N VAL D 21 0.39 -15.15 22.76
CA VAL D 21 1.31 -16.07 23.42
C VAL D 21 1.51 -17.38 22.67
N ASP D 22 0.57 -17.75 21.81
CA ASP D 22 0.69 -18.98 21.05
C ASP D 22 1.33 -18.73 19.69
N THR D 23 1.78 -17.51 19.45
CA THR D 23 2.39 -17.16 18.16
C THR D 23 3.75 -16.46 18.18
N HIS D 24 3.77 -15.22 18.65
CA HIS D 24 4.97 -14.39 18.67
C HIS D 24 6.14 -14.82 19.53
N VAL D 25 5.89 -15.69 20.50
CA VAL D 25 6.95 -16.13 21.41
C VAL D 25 7.13 -17.64 21.47
N ASP D 26 8.27 -18.07 22.00
CA ASP D 26 8.57 -19.49 22.08
C ASP D 26 8.75 -19.97 23.51
N PRO D 27 7.70 -20.56 24.09
CA PRO D 27 7.76 -21.08 25.47
C PRO D 27 8.84 -22.15 25.57
N PRO D 28 9.30 -22.46 26.79
CA PRO D 28 8.87 -21.89 28.07
C PRO D 28 9.48 -20.51 28.34
N PHE D 29 9.05 -19.88 29.43
CA PHE D 29 9.54 -18.56 29.80
C PHE D 29 10.28 -18.64 31.13
N HIS D 30 11.03 -17.59 31.46
CA HIS D 30 11.78 -17.54 32.71
C HIS D 30 12.33 -16.14 32.97
N LYS D 31 12.63 -15.83 34.23
CA LYS D 31 13.21 -14.54 34.58
C LYS D 31 14.71 -14.69 34.36
N SER D 32 15.30 -13.79 33.59
CA SER D 32 16.73 -13.88 33.27
C SER D 32 17.71 -13.18 34.21
N SER D 33 18.95 -13.06 33.74
CA SER D 33 20.05 -12.46 34.50
C SER D 33 19.73 -11.14 35.17
N ASP D 34 18.91 -10.32 34.51
CA ASP D 34 18.55 -9.01 35.04
C ASP D 34 17.07 -8.91 35.40
N GLY D 35 16.44 -10.06 35.62
CA GLY D 35 15.04 -10.06 35.98
C GLY D 35 14.01 -10.08 34.85
N THR D 36 14.36 -9.60 33.67
CA THR D 36 13.41 -9.58 32.55
C THR D 36 12.96 -10.97 32.15
N VAL D 37 11.67 -11.10 31.87
CA VAL D 37 11.08 -12.36 31.44
C VAL D 37 11.48 -12.59 29.98
N ARG D 38 11.98 -13.78 29.68
CA ARG D 38 12.40 -14.10 28.31
C ARG D 38 11.93 -15.46 27.85
N ASP D 39 11.83 -15.64 26.54
CA ASP D 39 11.43 -16.93 26.02
C ASP D 39 12.65 -17.72 25.56
N ARG D 40 12.39 -18.86 24.95
CA ARG D 40 13.41 -19.78 24.46
C ARG D 40 14.37 -19.13 23.45
N ARG D 41 13.92 -18.07 22.78
CA ARG D 41 14.74 -17.37 21.78
C ARG D 41 15.37 -16.11 22.36
N GLY D 42 15.18 -15.88 23.64
CA GLY D 42 15.75 -14.70 24.28
C GLY D 42 14.94 -13.42 24.14
N GLN D 43 13.73 -13.51 23.57
CA GLN D 43 12.90 -12.32 23.40
C GLN D 43 12.50 -11.72 24.75
N ASN D 44 12.51 -10.40 24.82
CA ASN D 44 12.14 -9.68 26.04
C ASN D 44 10.63 -9.61 26.15
N ILE D 45 10.08 -10.39 27.08
CA ILE D 45 8.63 -10.45 27.29
C ILE D 45 8.15 -9.41 28.31
N GLN D 46 7.30 -8.49 27.88
CA GLN D 46 6.79 -7.48 28.79
C GLN D 46 5.28 -7.27 28.74
N LEU D 47 4.74 -6.74 29.82
CA LEU D 47 3.32 -6.43 29.94
C LEU D 47 3.16 -4.99 29.50
N TYR D 48 1.94 -4.57 29.22
CA TYR D 48 1.76 -3.16 28.88
C TYR D 48 2.14 -2.49 30.20
N PRO D 49 2.82 -1.34 30.15
CA PRO D 49 3.29 -0.56 31.30
C PRO D 49 2.44 -0.46 32.57
N GLU D 50 1.16 -0.11 32.42
CA GLU D 50 0.30 0.08 33.59
C GLU D 50 -0.55 -1.10 34.05
N VAL D 51 -0.32 -2.29 33.49
CA VAL D 51 -1.10 -3.44 33.89
C VAL D 51 -1.13 -3.60 35.41
N PRO D 52 0.04 -3.63 36.07
CA PRO D 52 -0.02 -3.78 37.52
C PRO D 52 -0.88 -2.72 38.22
N GLU D 53 -0.75 -1.47 37.79
CA GLU D 53 -1.55 -0.40 38.38
C GLU D 53 -3.03 -0.54 38.03
N VAL D 54 -3.33 -1.06 36.85
CA VAL D 54 -4.70 -1.26 36.44
C VAL D 54 -5.35 -2.30 37.34
N LEU D 55 -4.67 -3.42 37.54
CA LEU D 55 -5.19 -4.49 38.38
C LEU D 55 -5.29 -4.05 39.85
N GLY D 56 -4.33 -3.26 40.29
CA GLY D 56 -4.31 -2.76 41.66
C GLY D 56 -5.43 -1.75 41.89
N ARG D 57 -5.77 -0.99 40.85
CA ARG D 57 -6.83 0.01 40.93
C ARG D 57 -8.16 -0.72 41.13
N LEU D 58 -8.33 -1.83 40.41
CA LEU D 58 -9.54 -2.63 40.52
C LEU D 58 -9.64 -3.20 41.93
N GLN D 59 -8.51 -3.59 42.49
CA GLN D 59 -8.51 -4.13 43.84
C GLN D 59 -8.88 -3.00 44.81
N SER D 60 -8.33 -1.81 44.56
CA SER D 60 -8.60 -0.64 45.39
C SER D 60 -10.11 -0.34 45.41
N LEU D 61 -10.76 -0.57 44.28
CA LEU D 61 -12.20 -0.32 44.15
C LEU D 61 -13.07 -1.47 44.65
N GLY D 62 -12.45 -2.59 45.00
CA GLY D 62 -13.21 -3.72 45.50
C GLY D 62 -13.89 -4.51 44.40
N VAL D 63 -13.32 -4.45 43.20
CA VAL D 63 -13.88 -5.18 42.07
C VAL D 63 -13.02 -6.42 41.77
N PRO D 64 -13.60 -7.62 42.01
CA PRO D 64 -12.89 -8.88 41.77
C PRO D 64 -12.47 -8.96 40.30
N VAL D 65 -11.38 -9.68 40.03
CA VAL D 65 -10.86 -9.80 38.67
C VAL D 65 -10.69 -11.24 38.23
N ALA D 66 -10.95 -11.50 36.95
CA ALA D 66 -10.84 -12.84 36.39
C ALA D 66 -10.24 -12.76 34.99
N ALA D 67 -9.78 -13.90 34.49
CA ALA D 67 -9.20 -13.97 33.17
C ALA D 67 -10.01 -14.90 32.28
N ALA D 68 -10.12 -14.53 31.00
CA ALA D 68 -10.86 -15.33 30.02
C ALA D 68 -10.11 -15.24 28.71
N SER D 69 -9.35 -16.29 28.41
CA SER D 69 -8.54 -16.39 27.19
C SER D 69 -8.85 -17.62 26.35
N ARG D 70 -8.76 -17.47 25.04
CA ARG D 70 -9.03 -18.55 24.08
C ARG D 70 -7.76 -19.23 23.58
N THR D 71 -6.61 -18.85 24.12
CA THR D 71 -5.34 -19.40 23.67
C THR D 71 -5.25 -20.91 23.90
N SER D 72 -4.47 -21.56 23.03
CA SER D 72 -4.24 -23.00 23.14
C SER D 72 -2.95 -23.17 23.94
N GLU D 73 -2.19 -22.09 24.04
CA GLU D 73 -0.93 -22.10 24.79
C GLU D 73 -1.26 -21.79 26.25
N ILE D 74 -1.96 -22.72 26.88
CA ILE D 74 -2.42 -22.61 28.26
C ILE D 74 -1.31 -22.56 29.31
N GLN D 75 -0.33 -23.44 29.20
CA GLN D 75 0.79 -23.50 30.14
C GLN D 75 1.62 -22.23 30.09
N GLY D 76 1.87 -21.74 28.89
CA GLY D 76 2.65 -20.51 28.74
C GLY D 76 1.90 -19.33 29.34
N ALA D 77 0.62 -19.21 29.02
CA ALA D 77 -0.20 -18.12 29.53
C ALA D 77 -0.18 -18.11 31.05
N ASN D 78 -0.36 -19.28 31.65
CA ASN D 78 -0.34 -19.40 33.10
C ASN D 78 1.05 -19.10 33.67
N GLN D 79 2.10 -19.53 32.95
CA GLN D 79 3.46 -19.29 33.43
C GLN D 79 3.76 -17.80 33.45
N LEU D 80 3.29 -17.06 32.45
CA LEU D 80 3.52 -15.61 32.40
C LEU D 80 2.83 -14.92 33.58
N LEU D 81 1.59 -15.33 33.86
CA LEU D 81 0.86 -14.74 34.97
C LEU D 81 1.63 -14.95 36.27
N GLU D 82 2.31 -16.08 36.38
CA GLU D 82 3.11 -16.41 37.55
C GLU D 82 4.40 -15.60 37.56
N LEU D 83 5.14 -15.66 36.46
CA LEU D 83 6.40 -14.92 36.35
C LEU D 83 6.23 -13.43 36.59
N PHE D 84 5.11 -12.86 36.15
CA PHE D 84 4.86 -11.44 36.33
C PHE D 84 4.17 -11.12 37.64
N ASP D 85 4.01 -12.12 38.49
CA ASP D 85 3.37 -11.96 39.80
C ASP D 85 2.01 -11.28 39.67
N LEU D 86 1.17 -11.80 38.77
CA LEU D 86 -0.15 -11.25 38.55
C LEU D 86 -1.22 -12.18 39.11
N GLY D 87 -0.82 -13.41 39.45
CA GLY D 87 -1.76 -14.37 39.99
C GLY D 87 -2.52 -13.87 41.20
N LYS D 88 -1.88 -13.02 41.98
CA LYS D 88 -2.50 -12.47 43.18
C LYS D 88 -3.68 -11.57 42.85
N TYR D 89 -3.82 -11.21 41.58
CA TYR D 89 -4.91 -10.33 41.16
C TYR D 89 -6.16 -11.05 40.67
N PHE D 90 -6.03 -12.30 40.27
CA PHE D 90 -7.18 -13.03 39.75
C PHE D 90 -7.79 -14.05 40.71
N ILE D 91 -9.11 -14.03 40.82
CA ILE D 91 -9.83 -14.96 41.69
C ILE D 91 -10.34 -16.14 40.87
N GLN D 92 -10.28 -16.00 39.54
CA GLN D 92 -10.74 -17.05 38.63
C GLN D 92 -9.96 -16.92 37.32
N ARG D 93 -9.74 -18.05 36.66
CA ARG D 93 -9.03 -18.06 35.38
C ARG D 93 -9.65 -19.07 34.43
N GLU D 94 -10.12 -18.60 33.28
CA GLU D 94 -10.68 -19.49 32.26
C GLU D 94 -9.76 -19.31 31.06
N ILE D 95 -8.83 -20.25 30.90
CA ILE D 95 -7.88 -20.19 29.79
C ILE D 95 -7.88 -21.48 28.98
N TYR D 96 -8.54 -21.45 27.83
CA TYR D 96 -8.66 -22.58 26.93
C TYR D 96 -9.40 -22.17 25.67
N PRO D 97 -9.19 -22.88 24.56
CA PRO D 97 -9.87 -22.54 23.30
C PRO D 97 -11.39 -22.68 23.39
N GLY D 98 -12.08 -22.03 22.45
CA GLY D 98 -13.53 -22.10 22.42
C GLY D 98 -14.23 -20.76 22.49
N SER D 99 -15.53 -20.76 22.19
CA SER D 99 -16.32 -19.54 22.26
C SER D 99 -16.28 -19.06 23.70
N LYS D 100 -16.00 -17.76 23.90
CA LYS D 100 -15.91 -17.25 25.25
C LYS D 100 -17.21 -17.23 26.03
N VAL D 101 -18.28 -17.67 25.40
CA VAL D 101 -19.56 -17.74 26.11
C VAL D 101 -19.36 -18.83 27.16
N THR D 102 -18.57 -19.84 26.80
CA THR D 102 -18.28 -20.94 27.73
C THR D 102 -17.50 -20.43 28.95
N HIS D 103 -16.48 -19.63 28.70
CA HIS D 103 -15.67 -19.07 29.78
C HIS D 103 -16.54 -18.29 30.74
N PHE D 104 -17.37 -17.41 30.20
CA PHE D 104 -18.24 -16.59 31.04
C PHE D 104 -19.30 -17.37 31.79
N GLU D 105 -19.84 -18.42 31.18
CA GLU D 105 -20.82 -19.23 31.86
C GLU D 105 -20.14 -19.88 33.07
N ARG D 106 -18.88 -20.27 32.92
CA ARG D 106 -18.15 -20.88 34.03
C ARG D 106 -17.88 -19.83 35.09
N LEU D 107 -17.59 -18.61 34.68
CA LEU D 107 -17.33 -17.52 35.62
C LEU D 107 -18.62 -17.19 36.35
N HIS D 108 -19.75 -17.24 35.65
CA HIS D 108 -21.03 -16.94 36.27
C HIS D 108 -21.31 -17.96 37.36
N HIS D 109 -21.07 -19.23 37.04
CA HIS D 109 -21.29 -20.33 37.98
C HIS D 109 -20.41 -20.25 39.22
N LYS D 110 -19.11 -20.05 39.01
CA LYS D 110 -18.14 -19.99 40.10
C LYS D 110 -18.22 -18.74 40.97
N THR D 111 -18.61 -17.61 40.40
CA THR D 111 -18.69 -16.36 41.17
C THR D 111 -20.11 -15.96 41.54
N GLY D 112 -21.08 -16.47 40.79
CA GLY D 112 -22.47 -16.13 41.07
C GLY D 112 -22.81 -14.72 40.60
N VAL D 113 -21.83 -14.02 40.02
CA VAL D 113 -22.09 -12.66 39.53
C VAL D 113 -22.94 -12.69 38.27
N PRO D 114 -24.02 -11.88 38.23
CA PRO D 114 -24.88 -11.86 37.05
C PRO D 114 -24.10 -11.28 35.87
N PHE D 115 -24.37 -11.79 34.67
CA PHE D 115 -23.68 -11.33 33.47
C PHE D 115 -23.74 -9.81 33.34
N SER D 116 -24.91 -9.24 33.61
CA SER D 116 -25.11 -7.81 33.52
C SER D 116 -24.19 -6.97 34.41
N GLN D 117 -23.69 -7.56 35.49
CA GLN D 117 -22.81 -6.84 36.40
C GLN D 117 -21.34 -7.08 36.13
N MET D 118 -21.05 -7.60 34.94
CA MET D 118 -19.67 -7.88 34.53
C MET D 118 -19.18 -6.92 33.45
N VAL D 119 -17.91 -6.52 33.53
CA VAL D 119 -17.31 -5.67 32.51
C VAL D 119 -16.24 -6.60 31.92
N PHE D 120 -15.99 -6.49 30.62
CA PHE D 120 -15.03 -7.36 29.92
C PHE D 120 -14.16 -6.59 28.91
N PHE D 121 -12.85 -6.75 29.01
CA PHE D 121 -11.92 -6.08 28.08
C PHE D 121 -11.26 -7.12 27.18
N ASP D 122 -11.39 -6.95 25.87
CA ASP D 122 -10.82 -7.89 24.91
C ASP D 122 -10.35 -7.16 23.65
N ASP D 123 -9.30 -7.69 23.03
CA ASP D 123 -8.76 -7.09 21.82
C ASP D 123 -9.41 -7.64 20.55
N GLU D 124 -10.25 -8.67 20.69
CA GLU D 124 -10.91 -9.27 19.54
C GLU D 124 -12.37 -8.88 19.35
N ASN D 125 -12.68 -8.30 18.20
CA ASN D 125 -14.04 -7.88 17.90
C ASN D 125 -15.06 -9.02 18.07
N ARG D 126 -14.66 -10.23 17.70
CA ARG D 126 -15.55 -11.40 17.79
C ARG D 126 -15.87 -11.82 19.22
N ASN D 127 -14.90 -11.64 20.12
CA ASN D 127 -15.12 -11.98 21.52
C ASN D 127 -16.07 -10.97 22.12
N ILE D 128 -15.92 -9.72 21.70
CA ILE D 128 -16.76 -8.64 22.17
C ILE D 128 -18.18 -8.93 21.77
N ILE D 129 -18.36 -9.43 20.56
CA ILE D 129 -19.68 -9.76 20.04
C ILE D 129 -20.29 -10.95 20.80
N ASP D 130 -19.59 -12.08 20.82
CA ASP D 130 -20.10 -13.27 21.50
C ASP D 130 -20.49 -13.06 22.96
N VAL D 131 -19.57 -12.52 23.75
CA VAL D 131 -19.84 -12.30 25.17
C VAL D 131 -20.91 -11.22 25.37
N GLY D 132 -21.01 -10.31 24.40
CA GLY D 132 -22.01 -9.25 24.49
C GLY D 132 -23.43 -9.79 24.52
N ARG D 133 -23.66 -10.91 23.86
CA ARG D 133 -25.00 -11.51 23.83
C ARG D 133 -25.50 -11.94 25.21
N LEU D 134 -24.58 -11.98 26.19
CA LEU D 134 -24.93 -12.37 27.55
C LEU D 134 -25.33 -11.16 28.40
N GLY D 135 -25.04 -9.96 27.92
CA GLY D 135 -25.39 -8.78 28.68
C GLY D 135 -24.21 -8.17 29.41
N VAL D 136 -23.05 -8.81 29.28
CA VAL D 136 -21.84 -8.31 29.90
C VAL D 136 -21.47 -7.03 29.15
N THR D 137 -20.92 -6.04 29.85
CA THR D 137 -20.49 -4.81 29.18
C THR D 137 -19.12 -5.17 28.60
N CYS D 138 -19.04 -5.22 27.28
CA CYS D 138 -17.80 -5.58 26.60
C CYS D 138 -17.09 -4.38 25.99
N ILE D 139 -15.83 -4.22 26.40
CA ILE D 139 -15.00 -3.12 25.95
C ILE D 139 -13.93 -3.59 24.97
N HIS D 140 -14.06 -3.21 23.71
CA HIS D 140 -13.06 -3.59 22.74
C HIS D 140 -11.90 -2.61 22.87
N ILE D 141 -10.69 -3.14 23.06
CA ILE D 141 -9.52 -2.30 23.20
C ILE D 141 -8.61 -2.38 21.97
N ARG D 142 -7.81 -1.34 21.75
CA ARG D 142 -6.94 -1.30 20.58
C ARG D 142 -5.46 -1.37 20.88
N ASP D 143 -5.05 -0.87 22.05
CA ASP D 143 -3.64 -0.86 22.41
C ASP D 143 -3.36 -1.40 23.80
N GLY D 144 -4.08 -2.45 24.19
CA GLY D 144 -3.86 -3.04 25.50
C GLY D 144 -4.45 -2.25 26.64
N MET D 145 -4.34 -2.77 27.86
CA MET D 145 -4.87 -2.09 29.03
C MET D 145 -3.98 -0.95 29.51
N SER D 146 -4.62 0.04 30.11
CA SER D 146 -3.94 1.20 30.66
C SER D 146 -4.93 1.77 31.68
N LEU D 147 -4.47 2.67 32.53
CA LEU D 147 -5.36 3.27 33.50
C LEU D 147 -6.51 4.01 32.80
N GLN D 148 -6.18 4.71 31.72
CA GLN D 148 -7.20 5.45 30.97
C GLN D 148 -8.23 4.51 30.38
N THR D 149 -7.77 3.44 29.73
CA THR D 149 -8.65 2.45 29.13
C THR D 149 -9.58 1.87 30.19
N LEU D 150 -9.04 1.62 31.37
CA LEU D 150 -9.82 1.07 32.47
C LEU D 150 -10.95 2.03 32.86
N THR D 151 -10.58 3.28 33.11
CA THR D 151 -11.56 4.29 33.50
C THR D 151 -12.66 4.41 32.45
N GLN D 152 -12.29 4.42 31.18
CA GLN D 152 -13.27 4.53 30.10
C GLN D 152 -14.20 3.32 30.10
N GLY D 153 -13.63 2.14 30.32
CA GLY D 153 -14.44 0.93 30.36
C GLY D 153 -15.40 0.96 31.54
N LEU D 154 -14.92 1.43 32.69
CA LEU D 154 -15.76 1.50 33.88
C LEU D 154 -16.89 2.50 33.73
N GLU D 155 -16.66 3.58 32.98
CA GLU D 155 -17.68 4.59 32.75
C GLU D 155 -18.74 4.01 31.85
N THR D 156 -18.28 3.34 30.78
CA THR D 156 -19.18 2.69 29.84
C THR D 156 -20.09 1.73 30.59
N PHE D 157 -19.52 1.02 31.55
CA PHE D 157 -20.30 0.08 32.34
C PHE D 157 -21.37 0.81 33.12
N ALA D 158 -20.97 1.89 33.79
CA ALA D 158 -21.90 2.68 34.60
C ALA D 158 -23.07 3.19 33.79
N LYS D 159 -22.78 3.83 32.66
CA LYS D 159 -23.83 4.36 31.80
C LYS D 159 -24.82 3.26 31.46
N ALA D 160 -24.30 2.17 30.93
CA ALA D 160 -25.13 1.03 30.52
C ALA D 160 -26.01 0.52 31.67
N GLN D 161 -25.54 0.64 32.90
CA GLN D 161 -26.32 0.18 34.06
C GLN D 161 -27.18 1.30 34.66
N ALA D 162 -27.01 2.51 34.16
CA ALA D 162 -27.79 3.65 34.66
C ALA D 162 -29.28 3.44 34.50
#